data_5DF8
#
_entry.id   5DF8
#
_cell.length_a   57.218
_cell.length_b   74.374
_cell.length_c   82.448
_cell.angle_alpha   71.69
_cell.angle_beta   86.06
_cell.angle_gamma   85.88
#
_symmetry.space_group_name_H-M   'P 1'
#
loop_
_entity.id
_entity.type
_entity.pdbx_description
1 polymer 'Cell division protein'
2 non-polymer '(2R,4R,5R)-2-[(1R)-1-{[(2R)-2-{[(4-ethyl-2,3-dioxopiperazin-1-yl)carbonyl]amino}-2-(4-hydroxyphenyl)acetyl]amino}-2-oxoethyl]-5-methyl-1,3-thiazinane-4-carboxylic acid'
3 non-polymer GLYCEROL
4 non-polymer 'CHLORIDE ION'
5 water water
#
_entity_poly.entity_id   1
_entity_poly.type   'polypeptide(L)'
_entity_poly.pdbx_seq_one_letter_code
;MAHHHHHHSSGLEVLFQGPDLHVIDHDFLKGQGDARSVRHIAIPAHRGLITDRNGEPLAVSTPVTTLWANPKELMTAKER
WPQLAAALGQDTKLFADRIEQNAEREFIYLVRGLTPEQGEGVIALKVPGVYSIEEFRRFYPAGEVVAHAVGFTDVDDRGR
EGIELAFDEWLAGVPGKRQVLKDRRGRVIKDVQVTKNAKPGKTLALSIDLRLQYLAHRELRNALLENGAKAGSLVIMDVK
TGEILAMTNQPTYNPNNRRNLQPAAMRNRAMIDVFEPGSTVKPFSMSAALASGRWKPSDIVDVYPGTLQIGRYTIRDVSR
NSRQLDLTGILIKSSNVGISKIAFDIGAESIYSVMQQVGLGQDTGLGFPGERVGNLPNHRKWPKAETATLAYGYGLSVTA
IQLAHAYAALANDGKSVPLSMTRVDRVPDGVQVISPEVASTVQGMLQQVVEAQGGVFRAQVPGYHAAGKSGTARKVSVGT
KGYRENAYRSLFAGFAPATDPRIAMVVVIDEPSKAGYFGGLVSAPVFSKVMAGALRLMNVPPDNLPTATEQQQVNAAPAK
GGRG
;
_entity_poly.pdbx_strand_id   A,B
#
loop_
_chem_comp.id
_chem_comp.type
_chem_comp.name
_chem_comp.formula
59F non-polymer '(2R,4R,5R)-2-[(1R)-1-{[(2R)-2-{[(4-ethyl-2,3-dioxopiperazin-1-yl)carbonyl]amino}-2-(4-hydroxyphenyl)acetyl]amino}-2-oxoethyl]-5-methyl-1,3-thiazinane-4-carboxylic acid' 'C23 H29 N5 O8 S'
CL non-polymer 'CHLORIDE ION' 'Cl -1'
GOL non-polymer GLYCEROL 'C3 H8 O3'
#
# COMPACT_ATOMS: atom_id res chain seq x y z
N ARG A 36 9.92 -27.27 46.01
CA ARG A 36 8.83 -26.24 46.07
C ARG A 36 9.36 -24.82 45.97
N SER A 37 8.90 -24.11 44.94
CA SER A 37 9.37 -22.75 44.68
C SER A 37 8.24 -21.75 44.48
N VAL A 38 8.63 -20.47 44.46
CA VAL A 38 7.72 -19.35 44.32
C VAL A 38 7.69 -18.93 42.86
N ARG A 39 6.52 -19.06 42.24
CA ARG A 39 6.34 -18.61 40.87
C ARG A 39 5.79 -17.18 40.86
N HIS A 40 6.24 -16.38 39.89
CA HIS A 40 5.73 -15.04 39.67
C HIS A 40 4.71 -15.07 38.55
N ILE A 41 3.52 -14.51 38.79
CA ILE A 41 2.48 -14.44 37.76
C ILE A 41 1.91 -13.03 37.51
N ALA A 42 1.51 -12.76 36.27
CA ALA A 42 1.05 -11.44 35.86
C ALA A 42 -0.30 -11.09 36.46
N ILE A 43 -0.55 -9.80 36.70
CA ILE A 43 -1.86 -9.30 37.10
C ILE A 43 -2.40 -8.42 35.97
N PRO A 44 -3.25 -9.00 35.09
CA PRO A 44 -3.80 -8.30 33.93
C PRO A 44 -4.31 -6.89 34.26
N ALA A 45 -3.87 -5.91 33.47
CA ALA A 45 -4.31 -4.54 33.62
C ALA A 45 -5.44 -4.20 32.64
N HIS A 46 -6.28 -3.26 33.04
CA HIS A 46 -7.37 -2.71 32.23
C HIS A 46 -6.81 -1.88 31.08
N ARG A 47 -7.14 -2.26 29.84
CA ARG A 47 -6.86 -1.39 28.70
C ARG A 47 -7.84 -0.20 28.72
N GLY A 48 -7.33 0.97 28.35
CA GLY A 48 -8.13 2.21 28.33
C GLY A 48 -9.40 2.13 27.49
N LEU A 49 -10.44 2.81 27.95
CA LEU A 49 -11.71 2.87 27.25
C LEU A 49 -11.63 3.85 26.06
N ILE A 50 -12.10 3.39 24.90
CA ILE A 50 -12.30 4.28 23.76
C ILE A 50 -13.80 4.60 23.65
N THR A 51 -14.13 5.89 23.65
CA THR A 51 -15.50 6.33 23.48
C THR A 51 -15.67 7.17 22.22
N ASP A 52 -16.91 7.41 21.83
CA ASP A 52 -17.17 8.42 20.81
C ASP A 52 -17.16 9.77 21.55
N ARG A 53 -17.48 10.84 20.83
CA ARG A 53 -17.38 12.20 21.34
C ARG A 53 -18.30 12.47 22.54
N ASN A 54 -19.31 11.62 22.71
CA ASN A 54 -20.34 11.81 23.74
C ASN A 54 -20.23 10.82 24.90
N GLY A 55 -19.20 9.97 24.89
CA GLY A 55 -19.04 8.96 25.93
C GLY A 55 -19.53 7.56 25.59
N GLU A 56 -20.04 7.35 24.39
CA GLU A 56 -20.49 6.00 23.97
C GLU A 56 -19.29 5.06 23.78
N PRO A 57 -19.30 3.89 24.44
CA PRO A 57 -18.17 2.95 24.38
C PRO A 57 -17.95 2.39 22.99
N LEU A 58 -16.71 2.43 22.51
CA LEU A 58 -16.35 1.84 21.21
C LEU A 58 -15.36 0.68 21.38
N ALA A 59 -14.58 0.73 22.45
CA ALA A 59 -13.66 -0.35 22.77
C ALA A 59 -13.53 -0.44 24.28
N VAL A 60 -13.82 -1.63 24.79
CA VAL A 60 -13.87 -1.86 26.23
C VAL A 60 -13.21 -3.21 26.62
N SER A 61 -12.46 -3.18 27.71
CA SER A 61 -11.89 -4.39 28.31
C SER A 61 -12.89 -4.99 29.28
N THR A 62 -13.45 -6.12 28.89
CA THR A 62 -14.48 -6.79 29.69
C THR A 62 -13.86 -7.94 30.48
N PRO A 63 -14.19 -8.04 31.78
CA PRO A 63 -13.63 -9.08 32.64
C PRO A 63 -14.09 -10.47 32.20
N VAL A 64 -13.12 -11.35 31.99
CA VAL A 64 -13.40 -12.76 31.68
C VAL A 64 -12.60 -13.66 32.62
N THR A 65 -12.93 -14.95 32.66
CA THR A 65 -12.22 -15.92 33.51
C THR A 65 -11.67 -17.05 32.67
N THR A 66 -10.37 -17.32 32.80
CA THR A 66 -9.81 -18.51 32.17
C THR A 66 -9.57 -19.57 33.23
N LEU A 67 -9.84 -20.81 32.86
CA LEU A 67 -9.60 -21.94 33.73
C LEU A 67 -8.33 -22.65 33.31
N TRP A 68 -7.50 -22.96 34.29
CA TRP A 68 -6.33 -23.78 34.06
C TRP A 68 -6.30 -24.96 35.03
N ALA A 69 -5.45 -25.94 34.73
CA ALA A 69 -5.40 -27.14 35.54
C ALA A 69 -3.97 -27.61 35.77
N ASN A 70 -3.77 -28.26 36.91
CA ASN A 70 -2.54 -28.98 37.20
C ASN A 70 -2.81 -30.47 36.96
N PRO A 71 -2.31 -31.02 35.82
CA PRO A 71 -2.52 -32.42 35.47
C PRO A 71 -2.16 -33.36 36.61
N LYS A 72 -1.04 -33.09 37.29
CA LYS A 72 -0.61 -33.88 38.44
C LYS A 72 -1.70 -34.04 39.50
N GLU A 73 -2.41 -32.94 39.78
CA GLU A 73 -3.52 -32.99 40.72
C GLU A 73 -4.75 -33.67 40.13
N LEU A 74 -5.03 -33.39 38.86
CA LEU A 74 -6.17 -34.00 38.15
C LEU A 74 -6.08 -35.52 38.06
N MET A 75 -4.85 -36.03 37.96
CA MET A 75 -4.59 -37.47 37.93
C MET A 75 -5.00 -38.17 39.22
N THR A 76 -5.04 -37.42 40.33
CA THR A 76 -5.49 -37.98 41.61
C THR A 76 -7.01 -37.90 41.79
N ALA A 77 -7.73 -37.50 40.74
CA ALA A 77 -9.19 -37.38 40.82
C ALA A 77 -9.92 -37.77 39.53
N LYS A 78 -9.41 -38.81 38.85
CA LYS A 78 -9.92 -39.27 37.56
C LYS A 78 -11.44 -39.45 37.49
N GLU A 79 -12.08 -39.81 38.60
CA GLU A 79 -13.53 -40.03 38.56
C GLU A 79 -14.35 -38.73 38.49
N ARG A 80 -13.71 -37.58 38.70
CA ARG A 80 -14.38 -36.28 38.53
C ARG A 80 -14.36 -35.80 37.09
N TRP A 81 -13.51 -36.43 36.27
CA TRP A 81 -13.31 -36.05 34.88
C TRP A 81 -14.59 -35.99 34.02
N PRO A 82 -15.35 -37.11 33.92
CA PRO A 82 -16.54 -37.06 33.07
C PRO A 82 -17.45 -35.86 33.37
N GLN A 83 -17.59 -35.50 34.64
CA GLN A 83 -18.39 -34.34 35.03
C GLN A 83 -17.75 -33.03 34.59
N LEU A 84 -16.46 -32.86 34.88
CA LEU A 84 -15.69 -31.70 34.44
C LEU A 84 -15.70 -31.55 32.91
N ALA A 85 -15.45 -32.65 32.19
CA ALA A 85 -15.47 -32.64 30.72
C ALA A 85 -16.79 -32.17 30.14
N ALA A 86 -17.89 -32.57 30.77
CA ALA A 86 -19.21 -32.16 30.34
C ALA A 86 -19.53 -30.70 30.69
N ALA A 87 -18.92 -30.19 31.77
CA ALA A 87 -19.07 -28.78 32.14
C ALA A 87 -18.31 -27.86 31.18
N LEU A 88 -17.32 -28.41 30.49
CA LEU A 88 -16.54 -27.67 29.51
C LEU A 88 -16.97 -28.00 28.09
N GLY A 89 -18.05 -28.77 27.95
CA GLY A 89 -18.57 -29.19 26.65
C GLY A 89 -17.59 -29.98 25.80
N GLN A 90 -16.78 -30.81 26.44
CA GLN A 90 -15.84 -31.66 25.71
C GLN A 90 -16.18 -33.14 25.86
N ASP A 91 -15.90 -33.90 24.80
CA ASP A 91 -16.02 -35.37 24.82
C ASP A 91 -15.18 -35.96 25.94
N THR A 92 -15.83 -36.78 26.77
CA THR A 92 -15.20 -37.44 27.91
C THR A 92 -13.82 -38.01 27.58
N LYS A 93 -13.73 -38.81 26.52
CA LYS A 93 -12.46 -39.44 26.13
C LYS A 93 -11.42 -38.45 25.59
N LEU A 94 -11.86 -37.49 24.78
CA LEU A 94 -10.95 -36.50 24.23
C LEU A 94 -10.39 -35.60 25.33
N PHE A 95 -11.23 -35.22 26.28
CA PHE A 95 -10.78 -34.53 27.50
C PHE A 95 -9.79 -35.37 28.29
N ALA A 96 -10.12 -36.66 28.47
CA ALA A 96 -9.27 -37.59 29.19
C ALA A 96 -7.90 -37.72 28.52
N ASP A 97 -7.92 -37.85 27.20
CA ASP A 97 -6.69 -37.89 26.38
C ASP A 97 -5.79 -36.69 26.66
N ARG A 98 -6.38 -35.49 26.64
CA ARG A 98 -5.65 -34.25 26.91
C ARG A 98 -4.85 -34.35 28.21
N ILE A 99 -5.53 -34.69 29.30
CA ILE A 99 -4.93 -34.71 30.62
C ILE A 99 -3.83 -35.79 30.72
N GLU A 100 -4.09 -36.95 30.13
CA GLU A 100 -3.13 -38.06 30.14
C GLU A 100 -1.88 -37.74 29.33
N GLN A 101 -2.04 -37.04 28.21
CA GLN A 101 -0.90 -36.62 27.39
C GLN A 101 -0.01 -35.58 28.08
N ASN A 102 -0.59 -34.85 29.03
CA ASN A 102 0.13 -33.84 29.80
C ASN A 102 0.32 -34.19 31.27
N ALA A 103 0.25 -35.48 31.60
CA ALA A 103 0.33 -35.96 32.97
C ALA A 103 1.53 -35.48 33.78
N GLU A 104 2.71 -35.51 33.16
CA GLU A 104 3.95 -35.13 33.83
C GLU A 104 4.05 -33.61 34.06
N ARG A 105 3.15 -32.87 33.41
CA ARG A 105 3.17 -31.41 33.40
C ARG A 105 2.40 -30.81 34.60
N GLU A 106 2.68 -29.54 34.91
CA GLU A 106 2.09 -28.89 36.09
C GLU A 106 1.11 -27.76 35.75
N PHE A 107 1.10 -27.34 34.50
CA PHE A 107 0.20 -26.28 34.05
C PHE A 107 -0.29 -26.57 32.64
N ILE A 108 -1.61 -26.57 32.47
CA ILE A 108 -2.25 -26.47 31.17
C ILE A 108 -3.53 -25.62 31.24
N TYR A 109 -3.87 -24.96 30.13
CA TYR A 109 -5.13 -24.24 30.02
C TYR A 109 -6.28 -25.22 29.74
N LEU A 110 -7.41 -25.00 30.41
CA LEU A 110 -8.60 -25.79 30.14
C LEU A 110 -9.47 -25.11 29.10
N VAL A 111 -9.78 -23.85 29.36
CA VAL A 111 -10.60 -23.02 28.47
C VAL A 111 -10.31 -21.55 28.79
N ARG A 112 -10.34 -20.70 27.76
CA ARG A 112 -10.07 -19.29 27.94
C ARG A 112 -11.29 -18.43 27.66
N GLY A 113 -11.46 -17.37 28.45
CA GLY A 113 -12.44 -16.33 28.15
C GLY A 113 -13.90 -16.61 28.46
N LEU A 114 -14.15 -17.49 29.43
CA LEU A 114 -15.51 -17.70 29.95
C LEU A 114 -15.99 -16.42 30.61
N THR A 115 -17.31 -16.30 30.76
CA THR A 115 -17.86 -15.24 31.60
C THR A 115 -17.47 -15.54 33.04
N PRO A 116 -17.38 -14.51 33.89
CA PRO A 116 -17.06 -14.71 35.30
C PRO A 116 -17.99 -15.71 36.01
N GLU A 117 -19.25 -15.76 35.60
CA GLU A 117 -20.23 -16.68 36.16
C GLU A 117 -19.94 -18.13 35.75
N GLN A 118 -19.71 -18.34 34.44
CA GLN A 118 -19.34 -19.64 33.90
C GLN A 118 -18.13 -20.23 34.64
N GLY A 119 -17.15 -19.38 34.89
CA GLY A 119 -15.91 -19.78 35.56
C GLY A 119 -16.13 -20.30 36.97
N GLU A 120 -16.79 -19.50 37.81
CA GLU A 120 -17.06 -19.86 39.20
C GLU A 120 -18.08 -20.99 39.32
N GLY A 121 -18.88 -21.17 38.26
CA GLY A 121 -19.77 -22.32 38.14
C GLY A 121 -18.98 -23.61 38.11
N VAL A 122 -17.90 -23.62 37.32
CA VAL A 122 -16.99 -24.77 37.24
C VAL A 122 -16.11 -24.90 38.49
N ILE A 123 -15.63 -23.77 39.01
CA ILE A 123 -14.82 -23.74 40.24
C ILE A 123 -15.64 -24.25 41.43
N ALA A 124 -16.96 -24.05 41.36
CA ALA A 124 -17.89 -24.55 42.37
C ALA A 124 -17.89 -26.09 42.50
N LEU A 125 -17.54 -26.78 41.41
CA LEU A 125 -17.46 -28.24 41.39
C LEU A 125 -16.34 -28.79 42.28
N LYS A 126 -15.48 -27.88 42.74
CA LYS A 126 -14.36 -28.17 43.66
C LYS A 126 -13.46 -29.32 43.19
N VAL A 127 -13.28 -29.45 41.88
CA VAL A 127 -12.39 -30.45 41.32
C VAL A 127 -10.93 -30.12 41.63
N PRO A 128 -10.21 -31.04 42.28
CA PRO A 128 -8.79 -30.82 42.60
C PRO A 128 -7.93 -30.59 41.34
N GLY A 129 -7.13 -29.52 41.39
CA GLY A 129 -6.23 -29.18 40.30
C GLY A 129 -6.81 -28.23 39.27
N VAL A 130 -8.02 -27.73 39.52
CA VAL A 130 -8.66 -26.78 38.61
C VAL A 130 -8.63 -25.37 39.22
N TYR A 131 -7.98 -24.44 38.50
CA TYR A 131 -7.83 -23.07 38.98
C TYR A 131 -8.40 -22.06 37.98
N SER A 132 -8.73 -20.88 38.48
CA SER A 132 -9.24 -19.79 37.64
C SER A 132 -8.32 -18.58 37.64
N ILE A 133 -8.27 -17.89 36.50
CA ILE A 133 -7.57 -16.61 36.36
C ILE A 133 -8.54 -15.54 35.90
N GLU A 134 -8.60 -14.44 36.63
CA GLU A 134 -9.43 -13.30 36.26
C GLU A 134 -8.67 -12.45 35.25
N GLU A 135 -9.16 -12.41 34.01
CA GLU A 135 -8.54 -11.55 32.99
C GLU A 135 -9.51 -10.71 32.14
N PHE A 136 -8.99 -10.10 31.08
CA PHE A 136 -9.81 -9.23 30.24
C PHE A 136 -9.84 -9.63 28.77
N ARG A 137 -10.99 -9.43 28.14
CA ARG A 137 -11.09 -9.44 26.68
C ARG A 137 -11.58 -8.10 26.15
N ARG A 138 -10.91 -7.63 25.09
CA ARG A 138 -11.27 -6.38 24.43
C ARG A 138 -12.53 -6.60 23.61
N PHE A 139 -13.55 -5.78 23.87
CA PHE A 139 -14.82 -5.93 23.18
C PHE A 139 -15.23 -4.64 22.48
N TYR A 140 -15.74 -4.79 21.26
CA TYR A 140 -16.14 -3.67 20.41
C TYR A 140 -17.66 -3.65 20.21
N PRO A 141 -18.38 -2.82 21.00
CA PRO A 141 -19.86 -2.83 20.99
C PRO A 141 -20.51 -2.47 19.66
N ALA A 142 -19.85 -1.68 18.81
CA ALA A 142 -20.42 -1.33 17.51
C ALA A 142 -19.94 -2.24 16.38
N GLY A 143 -19.04 -3.18 16.69
CA GLY A 143 -18.55 -4.14 15.70
C GLY A 143 -18.07 -3.52 14.41
N GLU A 144 -18.63 -3.98 13.30
CA GLU A 144 -18.21 -3.55 11.96
C GLU A 144 -18.51 -2.08 11.61
N VAL A 145 -19.44 -1.48 12.35
CA VAL A 145 -19.86 -0.09 12.14
C VAL A 145 -18.68 0.89 12.29
N VAL A 146 -17.78 0.62 13.24
CA VAL A 146 -16.65 1.51 13.50
C VAL A 146 -15.31 0.78 13.46
N ALA A 147 -15.26 -0.34 12.74
CA ALA A 147 -14.07 -1.20 12.74
C ALA A 147 -12.83 -0.50 12.19
N HIS A 148 -13.00 0.25 11.11
CA HIS A 148 -11.86 0.88 10.46
C HIS A 148 -11.25 2.01 11.30
N ALA A 149 -12.09 2.87 11.89
CA ALA A 149 -11.56 3.92 12.73
C ALA A 149 -10.89 3.32 13.97
N VAL A 150 -11.59 2.40 14.64
CA VAL A 150 -11.15 1.90 15.93
C VAL A 150 -10.02 0.85 15.84
N GLY A 151 -10.07 -0.02 14.84
CA GLY A 151 -9.08 -1.11 14.71
C GLY A 151 -9.26 -2.18 15.77
N PHE A 152 -8.18 -2.85 16.16
CA PHE A 152 -8.25 -3.92 17.16
C PHE A 152 -6.91 -4.25 17.82
N THR A 153 -6.98 -4.92 18.98
CA THR A 153 -5.82 -5.49 19.64
C THR A 153 -5.70 -6.96 19.27
N ASP A 154 -4.47 -7.47 19.23
CA ASP A 154 -4.24 -8.88 18.90
C ASP A 154 -4.25 -9.73 20.18
N VAL A 155 -3.89 -11.01 20.06
CA VAL A 155 -3.80 -11.92 21.22
C VAL A 155 -3.02 -11.35 22.41
N ASP A 156 -1.93 -10.64 22.12
CA ASP A 156 -1.03 -10.12 23.16
C ASP A 156 -1.47 -8.75 23.69
N ASP A 157 -2.71 -8.36 23.41
CA ASP A 157 -3.30 -7.09 23.88
C ASP A 157 -2.61 -5.81 23.37
N ARG A 158 -1.90 -5.93 22.25
CA ARG A 158 -1.30 -4.77 21.58
C ARG A 158 -2.14 -4.35 20.37
N GLY A 159 -2.33 -3.05 20.22
CA GLY A 159 -3.08 -2.50 19.08
C GLY A 159 -2.37 -2.83 17.78
N ARG A 160 -3.08 -3.39 16.81
CA ARG A 160 -2.48 -3.74 15.52
C ARG A 160 -3.08 -2.99 14.34
N GLU A 161 -4.26 -2.39 14.54
CA GLU A 161 -4.91 -1.58 13.52
C GLU A 161 -5.55 -0.32 14.15
N GLY A 162 -5.72 0.71 13.31
CA GLY A 162 -6.55 1.86 13.64
C GLY A 162 -6.14 2.64 14.86
N ILE A 163 -7.12 3.18 15.56
CA ILE A 163 -6.88 3.95 16.77
C ILE A 163 -6.19 3.12 17.86
N GLU A 164 -6.55 1.84 17.95
CA GLU A 164 -5.91 0.94 18.91
C GLU A 164 -4.39 0.96 18.73
N LEU A 165 -3.92 0.94 17.48
CA LEU A 165 -2.49 1.02 17.21
C LEU A 165 -1.96 2.44 17.49
N ALA A 166 -2.64 3.44 16.94
CA ALA A 166 -2.16 4.83 16.99
C ALA A 166 -1.98 5.36 18.41
N PHE A 167 -2.85 4.94 19.33
CA PHE A 167 -2.81 5.41 20.69
C PHE A 167 -2.46 4.30 21.68
N ASP A 168 -1.72 3.30 21.20
CA ASP A 168 -1.45 2.08 21.98
C ASP A 168 -0.81 2.35 23.34
N GLU A 169 0.22 3.20 23.33
CA GLU A 169 0.91 3.65 24.54
C GLU A 169 -0.08 4.26 25.53
N TRP A 170 -0.92 5.16 25.05
CA TRP A 170 -1.93 5.85 25.87
C TRP A 170 -2.91 4.87 26.49
N LEU A 171 -3.41 3.96 25.65
CA LEU A 171 -4.49 3.07 26.01
C LEU A 171 -4.06 1.87 26.86
N ALA A 172 -2.88 1.32 26.55
CA ALA A 172 -2.35 0.17 27.25
C ALA A 172 -2.12 0.46 28.74
N GLY A 173 -2.56 -0.48 29.59
CA GLY A 173 -2.27 -0.41 31.01
C GLY A 173 -0.96 -1.13 31.27
N VAL A 174 -0.48 -1.05 32.51
CA VAL A 174 0.72 -1.80 32.88
C VAL A 174 0.32 -2.94 33.82
N PRO A 175 0.55 -4.19 33.38
CA PRO A 175 0.21 -5.36 34.19
C PRO A 175 0.93 -5.36 35.53
N GLY A 176 0.23 -5.81 36.58
CA GLY A 176 0.84 -6.00 37.89
C GLY A 176 1.58 -7.33 38.00
N LYS A 177 1.99 -7.67 39.21
CA LYS A 177 2.69 -8.94 39.44
C LYS A 177 2.47 -9.43 40.86
N ARG A 178 2.40 -10.75 41.01
CA ARG A 178 2.26 -11.35 42.34
C ARG A 178 3.00 -12.67 42.44
N GLN A 179 3.23 -13.11 43.68
CA GLN A 179 3.99 -14.32 43.95
C GLN A 179 3.12 -15.41 44.53
N VAL A 180 3.24 -16.60 43.97
CA VAL A 180 2.47 -17.73 44.44
C VAL A 180 3.42 -18.83 44.84
N LEU A 181 3.14 -19.48 45.97
CA LEU A 181 3.91 -20.65 46.39
C LEU A 181 3.21 -21.94 45.98
N LYS A 182 3.93 -22.79 45.25
CA LYS A 182 3.44 -24.12 44.91
C LYS A 182 4.39 -25.21 45.41
N ASP A 183 3.84 -26.40 45.69
CA ASP A 183 4.62 -27.47 46.29
C ASP A 183 5.37 -28.34 45.28
N ARG A 184 5.68 -29.58 45.69
CA ARG A 184 6.40 -30.55 44.87
C ARG A 184 5.64 -30.92 43.60
N ARG A 185 4.35 -31.22 43.76
CA ARG A 185 3.49 -31.65 42.65
C ARG A 185 2.84 -30.49 41.89
N GLY A 186 3.29 -29.27 42.18
CA GLY A 186 2.80 -28.07 41.49
C GLY A 186 1.51 -27.52 42.07
N ARG A 187 0.95 -28.21 43.06
CA ARG A 187 -0.24 -27.74 43.74
C ARG A 187 0.00 -26.35 44.32
N VAL A 188 -0.90 -25.43 44.02
CA VAL A 188 -0.82 -24.07 44.55
C VAL A 188 -1.15 -24.10 46.04
N ILE A 189 -0.20 -23.62 46.83
CA ILE A 189 -0.29 -23.68 48.27
C ILE A 189 -0.78 -22.35 48.84
N LYS A 190 -0.17 -21.26 48.37
CA LYS A 190 -0.35 -19.94 49.00
C LYS A 190 -0.11 -18.77 48.05
N ASP A 191 -0.99 -17.76 48.13
CA ASP A 191 -0.75 -16.47 47.50
C ASP A 191 0.10 -15.63 48.45
N VAL A 192 1.40 -15.55 48.17
CA VAL A 192 2.32 -14.95 49.14
C VAL A 192 2.23 -13.43 49.18
N GLN A 193 2.34 -12.76 48.03
CA GLN A 193 2.30 -11.30 48.00
C GLN A 193 2.12 -10.76 46.58
N VAL A 194 1.65 -9.52 46.52
CA VAL A 194 1.63 -8.73 45.29
C VAL A 194 2.91 -7.90 45.25
N THR A 195 3.78 -8.19 44.27
CA THR A 195 5.03 -7.45 44.10
C THR A 195 4.83 -6.10 43.39
N LYS A 196 3.83 -6.02 42.49
CA LYS A 196 3.52 -4.80 41.74
C LYS A 196 2.03 -4.72 41.40
N ASN A 197 1.41 -3.59 41.72
CA ASN A 197 0.01 -3.33 41.37
C ASN A 197 -0.17 -3.12 39.86
N ALA A 198 -1.32 -3.53 39.34
CA ALA A 198 -1.67 -3.25 37.96
C ALA A 198 -2.15 -1.79 37.83
N LYS A 199 -1.81 -1.16 36.70
CA LYS A 199 -2.29 0.19 36.41
C LYS A 199 -3.09 0.17 35.09
N PRO A 200 -4.31 0.72 35.11
CA PRO A 200 -5.15 0.78 33.90
C PRO A 200 -4.65 1.79 32.87
N GLY A 201 -4.90 1.50 31.59
CA GLY A 201 -4.68 2.48 30.51
C GLY A 201 -5.59 3.70 30.63
N LYS A 202 -5.40 4.70 29.79
CA LYS A 202 -6.20 5.93 29.88
C LYS A 202 -7.37 5.96 28.89
N THR A 203 -8.44 6.66 29.28
CA THR A 203 -9.62 6.87 28.44
C THR A 203 -9.30 7.79 27.25
N LEU A 204 -9.77 7.39 26.06
CA LEU A 204 -9.63 8.19 24.85
C LEU A 204 -11.00 8.45 24.21
N ALA A 205 -11.37 9.73 24.13
CA ALA A 205 -12.62 10.15 23.50
C ALA A 205 -12.39 10.61 22.04
N LEU A 206 -12.93 9.86 21.08
CA LEU A 206 -12.78 10.18 19.66
C LEU A 206 -13.71 11.33 19.25
N SER A 207 -13.42 11.93 18.10
CA SER A 207 -14.26 12.99 17.54
C SER A 207 -15.57 12.45 16.92
N ILE A 208 -15.57 11.16 16.55
CA ILE A 208 -16.72 10.47 15.97
C ILE A 208 -18.00 10.66 16.81
N ASP A 209 -19.10 10.91 16.10
CA ASP A 209 -20.43 10.80 16.69
C ASP A 209 -21.01 9.46 16.20
N LEU A 210 -21.04 8.48 17.11
CA LEU A 210 -21.54 7.13 16.82
C LEU A 210 -22.92 7.12 16.13
N ARG A 211 -23.79 8.06 16.51
CA ARG A 211 -25.10 8.18 15.87
C ARG A 211 -24.98 8.47 14.37
N LEU A 212 -24.10 9.39 14.03
CA LEU A 212 -23.86 9.74 12.63
C LEU A 212 -23.09 8.60 11.95
N GLN A 213 -22.23 7.92 12.71
CA GLN A 213 -21.47 6.79 12.19
C GLN A 213 -22.39 5.63 11.83
N TYR A 214 -23.35 5.31 12.69
CA TYR A 214 -24.41 4.34 12.35
C TYR A 214 -25.17 4.73 11.08
N LEU A 215 -25.72 5.95 11.07
CA LEU A 215 -26.43 6.46 9.88
C LEU A 215 -25.56 6.36 8.63
N ALA A 216 -24.33 6.86 8.71
CA ALA A 216 -23.39 6.81 7.59
C ALA A 216 -23.06 5.39 7.14
N HIS A 217 -22.72 4.52 8.09
CA HIS A 217 -22.42 3.13 7.80
C HIS A 217 -23.56 2.43 7.06
N ARG A 218 -24.79 2.51 7.60
CA ARG A 218 -25.92 1.81 6.98
C ARG A 218 -26.24 2.30 5.57
N GLU A 219 -26.21 3.63 5.38
CA GLU A 219 -26.50 4.21 4.07
C GLU A 219 -25.47 3.88 3.00
N LEU A 220 -24.19 3.84 3.38
CA LEU A 220 -23.13 3.50 2.43
C LEU A 220 -23.26 2.04 2.02
N ARG A 221 -23.51 1.15 2.99
CA ARG A 221 -23.78 -0.26 2.72
C ARG A 221 -24.95 -0.45 1.74
N ASN A 222 -26.06 0.23 2.01
CA ASN A 222 -27.23 0.17 1.12
C ASN A 222 -26.91 0.53 -0.32
N ALA A 223 -26.21 1.66 -0.48
CA ALA A 223 -25.78 2.17 -1.78
C ALA A 223 -24.78 1.23 -2.45
N LEU A 224 -23.88 0.65 -1.67
CA LEU A 224 -22.94 -0.34 -2.22
C LEU A 224 -23.73 -1.47 -2.88
N LEU A 225 -24.78 -1.89 -2.19
CA LEU A 225 -25.56 -3.07 -2.56
C LEU A 225 -26.54 -2.77 -3.69
N GLU A 226 -27.29 -1.67 -3.56
CA GLU A 226 -28.14 -1.17 -4.63
C GLU A 226 -27.36 -1.08 -5.95
N ASN A 227 -26.14 -0.53 -5.88
CA ASN A 227 -25.36 -0.20 -7.08
C ASN A 227 -24.40 -1.30 -7.53
N GLY A 228 -24.29 -2.35 -6.72
CA GLY A 228 -23.38 -3.48 -7.02
C GLY A 228 -21.92 -3.04 -7.10
N ALA A 229 -21.59 -2.06 -6.29
CA ALA A 229 -20.28 -1.46 -6.28
C ALA A 229 -19.28 -2.40 -5.58
N LYS A 230 -17.99 -2.17 -5.81
CA LYS A 230 -16.94 -2.98 -5.20
C LYS A 230 -16.46 -2.44 -3.85
N ALA A 231 -16.43 -1.13 -3.69
CA ALA A 231 -15.98 -0.53 -2.44
C ALA A 231 -16.53 0.90 -2.34
N GLY A 232 -16.46 1.50 -1.17
CA GLY A 232 -16.88 2.89 -1.01
C GLY A 232 -16.33 3.50 0.26
N SER A 233 -16.36 4.82 0.35
CA SER A 233 -16.11 5.54 1.62
C SER A 233 -17.10 6.68 1.81
N LEU A 234 -17.25 7.10 3.07
CA LEU A 234 -18.09 8.20 3.41
C LEU A 234 -17.49 8.89 4.63
N VAL A 235 -17.27 10.19 4.50
CA VAL A 235 -16.64 10.98 5.56
C VAL A 235 -17.55 12.14 5.88
N ILE A 236 -17.79 12.38 7.16
CA ILE A 236 -18.52 13.54 7.61
C ILE A 236 -17.63 14.31 8.56
N MET A 237 -17.53 15.62 8.34
CA MET A 237 -16.65 16.49 9.09
C MET A 237 -17.39 17.72 9.58
N ASP A 238 -17.11 18.12 10.82
CA ASP A 238 -17.61 19.38 11.32
C ASP A 238 -16.74 20.49 10.72
N VAL A 239 -17.37 21.41 9.99
CA VAL A 239 -16.61 22.43 9.24
C VAL A 239 -16.00 23.51 10.13
N LYS A 240 -16.60 23.71 11.31
CA LYS A 240 -16.15 24.75 12.24
C LYS A 240 -15.04 24.30 13.20
N THR A 241 -15.00 23.01 13.54
CA THR A 241 -14.05 22.52 14.55
C THR A 241 -12.98 21.60 14.00
N GLY A 242 -13.18 21.09 12.78
CA GLY A 242 -12.25 20.13 12.20
C GLY A 242 -12.45 18.68 12.65
N GLU A 243 -13.43 18.45 13.52
CA GLU A 243 -13.68 17.11 14.06
C GLU A 243 -14.29 16.20 12.99
N ILE A 244 -13.69 15.03 12.83
CA ILE A 244 -14.23 13.99 11.97
C ILE A 244 -15.38 13.33 12.71
N LEU A 245 -16.60 13.56 12.23
CA LEU A 245 -17.78 13.10 12.94
C LEU A 245 -18.19 11.69 12.55
N ALA A 246 -17.80 11.28 11.35
CA ALA A 246 -18.06 9.93 10.90
C ALA A 246 -17.07 9.59 9.82
N MET A 247 -16.66 8.32 9.80
CA MET A 247 -15.78 7.81 8.77
C MET A 247 -16.09 6.33 8.60
N THR A 248 -16.71 5.99 7.47
CA THR A 248 -17.08 4.61 7.21
C THR A 248 -16.60 4.16 5.83
N ASN A 249 -16.39 2.86 5.70
CA ASN A 249 -15.95 2.26 4.44
C ASN A 249 -16.62 0.93 4.23
N GLN A 250 -16.71 0.51 2.98
CA GLN A 250 -17.08 -0.85 2.62
C GLN A 250 -16.02 -1.30 1.63
N PRO A 251 -15.59 -2.58 1.68
CA PRO A 251 -15.97 -3.65 2.61
C PRO A 251 -15.53 -3.37 4.04
N THR A 252 -16.27 -3.90 5.01
CA THR A 252 -15.85 -3.84 6.41
C THR A 252 -15.81 -5.26 7.02
N TYR A 253 -15.55 -5.34 8.32
CA TYR A 253 -15.44 -6.64 9.01
C TYR A 253 -15.86 -6.48 10.47
N ASN A 254 -16.05 -7.62 11.13
CA ASN A 254 -16.41 -7.65 12.53
C ASN A 254 -15.16 -7.90 13.36
N PRO A 255 -14.67 -6.88 14.11
CA PRO A 255 -13.45 -7.05 14.89
C PRO A 255 -13.63 -8.00 16.08
N ASN A 256 -14.86 -8.21 16.53
CA ASN A 256 -15.18 -9.17 17.59
C ASN A 256 -15.10 -10.63 17.13
N ASN A 257 -15.14 -10.85 15.82
CA ASN A 257 -14.97 -12.19 15.26
C ASN A 257 -14.22 -12.15 13.95
N ARG A 258 -12.92 -12.38 14.00
CA ARG A 258 -12.10 -12.24 12.80
C ARG A 258 -11.78 -13.56 12.10
N ARG A 259 -12.48 -14.62 12.50
CA ARG A 259 -12.21 -15.97 12.00
C ARG A 259 -11.87 -16.01 10.50
N ASN A 260 -12.75 -15.50 9.65
CA ASN A 260 -12.55 -15.59 8.19
C ASN A 260 -12.12 -14.30 7.49
N LEU A 261 -11.38 -13.47 8.21
CA LEU A 261 -11.02 -12.14 7.74
C LEU A 261 -10.03 -12.18 6.57
N GLN A 262 -10.36 -11.45 5.51
CA GLN A 262 -9.44 -11.22 4.40
C GLN A 262 -8.86 -9.81 4.53
N PRO A 263 -7.61 -9.63 4.07
CA PRO A 263 -6.93 -8.33 4.18
C PRO A 263 -7.66 -7.16 3.47
N ALA A 264 -8.27 -7.40 2.31
CA ALA A 264 -9.03 -6.35 1.60
C ALA A 264 -10.03 -5.62 2.49
N ALA A 265 -10.74 -6.36 3.34
CA ALA A 265 -11.80 -5.78 4.18
C ALA A 265 -11.30 -4.90 5.32
N MET A 266 -10.00 -4.93 5.58
CA MET A 266 -9.43 -4.24 6.75
C MET A 266 -9.07 -2.75 6.53
N ARG A 267 -9.08 -2.32 5.27
CA ARG A 267 -8.54 -1.02 4.89
C ARG A 267 -9.46 0.13 5.26
N ASN A 268 -8.97 1.07 6.06
CA ASN A 268 -9.69 2.35 6.25
C ASN A 268 -9.49 3.22 5.01
N ARG A 269 -10.26 2.93 3.98
CA ARG A 269 -10.03 3.48 2.65
C ARG A 269 -10.03 5.00 2.62
N ALA A 270 -10.92 5.59 3.43
CA ALA A 270 -11.04 7.03 3.57
C ALA A 270 -9.73 7.76 3.92
N MET A 271 -8.78 7.04 4.51
CA MET A 271 -7.54 7.65 4.96
C MET A 271 -6.33 7.12 4.24
N ILE A 272 -6.47 5.92 3.67
CA ILE A 272 -5.31 5.17 3.21
C ILE A 272 -5.36 4.78 1.75
N ASP A 273 -6.47 5.09 1.08
CA ASP A 273 -6.53 4.90 -0.37
C ASP A 273 -6.57 6.24 -1.11
N VAL A 274 -5.83 6.34 -2.21
CA VAL A 274 -5.80 7.60 -2.94
C VAL A 274 -6.52 7.51 -4.27
N PHE A 275 -7.11 8.63 -4.71
CA PHE A 275 -7.86 8.67 -5.98
C PHE A 275 -7.78 10.06 -6.63
N GLU A 276 -7.94 10.08 -7.94
CA GLU A 276 -8.14 11.34 -8.68
C GLU A 276 -9.55 11.89 -8.41
N PRO A 277 -9.65 13.12 -7.85
CA PRO A 277 -10.94 13.66 -7.42
C PRO A 277 -11.85 14.12 -8.57
N GLY A 278 -11.31 14.21 -9.78
CA GLY A 278 -12.07 14.65 -10.94
C GLY A 278 -12.78 15.99 -10.77
N SER A 279 -14.04 16.03 -11.19
CA SER A 279 -14.80 17.29 -11.26
C SER A 279 -15.03 17.92 -9.89
N THR A 280 -14.77 17.16 -8.83
CA THR A 280 -14.99 17.66 -7.46
C THR A 280 -13.97 18.73 -7.04
N VAL A 281 -12.87 18.86 -7.79
CA VAL A 281 -11.95 19.99 -7.54
C VAL A 281 -12.26 21.27 -8.33
N LYS A 282 -13.20 21.19 -9.27
CA LYS A 282 -13.59 22.37 -10.07
C LYS A 282 -13.91 23.62 -9.22
N PRO A 283 -14.59 23.46 -8.06
CA PRO A 283 -14.89 24.67 -7.26
C PRO A 283 -13.63 25.39 -6.74
N PHE A 284 -12.51 24.67 -6.71
CA PHE A 284 -11.25 25.25 -6.26
C PHE A 284 -10.53 25.89 -7.43
N SER A 285 -10.59 25.25 -8.60
CA SER A 285 -10.16 25.87 -9.84
C SER A 285 -10.93 27.19 -10.02
N MET A 286 -12.23 27.14 -9.78
CA MET A 286 -13.09 28.31 -9.89
C MET A 286 -12.71 29.33 -8.83
N SER A 287 -12.30 28.86 -7.65
CA SER A 287 -11.86 29.79 -6.59
C SER A 287 -10.61 30.54 -6.99
N ALA A 288 -9.68 29.85 -7.66
CA ALA A 288 -8.46 30.49 -8.17
C ALA A 288 -8.81 31.59 -9.16
N ALA A 289 -9.73 31.27 -10.08
CA ALA A 289 -10.20 32.21 -11.11
C ALA A 289 -10.73 33.51 -10.52
N LEU A 290 -11.65 33.41 -9.56
CA LEU A 290 -12.23 34.59 -8.91
C LEU A 290 -11.23 35.38 -8.08
N ALA A 291 -10.23 34.70 -7.53
CA ALA A 291 -9.17 35.35 -6.77
C ALA A 291 -8.14 36.05 -7.67
N SER A 292 -8.13 35.70 -8.95
CA SER A 292 -7.13 36.20 -9.89
C SER A 292 -7.42 37.61 -10.41
N GLY A 293 -8.64 38.09 -10.23
CA GLY A 293 -9.02 39.41 -10.71
C GLY A 293 -9.36 39.43 -12.19
N ARG A 294 -9.15 38.29 -12.86
CA ARG A 294 -9.39 38.15 -14.29
C ARG A 294 -10.76 37.58 -14.64
N TRP A 295 -11.52 37.17 -13.63
CA TRP A 295 -12.83 36.55 -13.85
C TRP A 295 -13.87 37.05 -12.86
N LYS A 296 -15.13 36.99 -13.27
CA LYS A 296 -16.26 37.36 -12.42
C LYS A 296 -17.42 36.45 -12.80
N PRO A 297 -18.37 36.21 -11.86
CA PRO A 297 -19.39 35.16 -12.04
C PRO A 297 -20.18 35.29 -13.35
N SER A 298 -20.43 36.52 -13.78
CA SER A 298 -21.21 36.81 -14.99
C SER A 298 -20.51 36.45 -16.30
N ASP A 299 -19.20 36.23 -16.27
CA ASP A 299 -18.47 35.86 -17.48
C ASP A 299 -19.04 34.65 -18.16
N ILE A 300 -19.06 34.70 -19.49
CA ILE A 300 -19.57 33.61 -20.28
C ILE A 300 -18.42 32.99 -21.07
N VAL A 301 -18.37 31.66 -21.11
CA VAL A 301 -17.32 30.95 -21.80
C VAL A 301 -17.94 30.12 -22.93
N ASP A 302 -17.29 30.14 -24.08
CA ASP A 302 -17.82 29.43 -25.23
C ASP A 302 -17.21 28.04 -25.22
N VAL A 303 -18.07 27.04 -25.08
CA VAL A 303 -17.62 25.65 -24.92
C VAL A 303 -17.95 24.78 -26.13
N TYR A 304 -18.45 25.39 -27.20
CA TYR A 304 -18.63 24.71 -28.48
C TYR A 304 -17.25 24.33 -29.05
N PRO A 305 -17.14 23.16 -29.70
CA PRO A 305 -18.14 22.10 -29.93
C PRO A 305 -18.24 21.04 -28.83
N GLY A 306 -17.73 21.33 -27.63
CA GLY A 306 -17.72 20.35 -26.55
C GLY A 306 -16.45 19.52 -26.51
N THR A 307 -15.51 19.86 -27.37
CA THR A 307 -14.15 19.34 -27.31
C THR A 307 -13.20 20.51 -27.46
N LEU A 308 -11.91 20.27 -27.20
CA LEU A 308 -10.89 21.31 -27.32
C LEU A 308 -9.56 20.61 -27.53
N GLN A 309 -9.10 20.58 -28.77
CA GLN A 309 -7.83 19.96 -29.11
C GLN A 309 -6.63 20.78 -28.64
N ILE A 310 -5.72 20.13 -27.93
CA ILE A 310 -4.43 20.71 -27.54
C ILE A 310 -3.35 19.63 -27.64
N GLY A 311 -2.49 19.75 -28.66
CA GLY A 311 -1.47 18.75 -28.93
C GLY A 311 -2.08 17.52 -29.57
N ARG A 312 -1.76 16.36 -29.01
CA ARG A 312 -2.32 15.09 -29.47
C ARG A 312 -3.51 14.70 -28.58
N TYR A 313 -3.78 15.53 -27.57
CA TYR A 313 -4.76 15.22 -26.54
C TYR A 313 -6.06 16.03 -26.71
N THR A 314 -7.20 15.38 -26.53
CA THR A 314 -8.50 16.06 -26.68
C THR A 314 -9.29 16.18 -25.37
N ILE A 315 -9.44 17.41 -24.88
CA ILE A 315 -10.30 17.71 -23.74
C ILE A 315 -11.77 17.52 -24.15
N ARG A 316 -12.49 16.62 -23.49
CA ARG A 316 -13.86 16.28 -23.88
C ARG A 316 -14.90 16.56 -22.78
N ASP A 317 -16.02 17.13 -23.18
CA ASP A 317 -17.18 17.28 -22.30
C ASP A 317 -18.11 16.11 -22.49
N VAL A 318 -18.79 15.70 -21.41
CA VAL A 318 -19.73 14.58 -21.51
C VAL A 318 -21.12 15.08 -21.88
N SER A 319 -21.56 16.17 -21.25
CA SER A 319 -22.81 16.84 -21.61
C SER A 319 -22.55 17.97 -22.61
N ARG A 320 -22.69 17.66 -23.90
CA ARG A 320 -22.41 18.62 -24.98
C ARG A 320 -23.67 19.35 -25.47
N ASN A 321 -24.54 19.72 -24.53
CA ASN A 321 -25.85 20.27 -24.88
C ASN A 321 -25.94 21.79 -25.04
N SER A 322 -25.03 22.51 -24.38
CA SER A 322 -25.01 23.97 -24.49
C SER A 322 -23.81 24.47 -25.30
N ARG A 323 -23.89 25.72 -25.75
CA ARG A 323 -22.81 26.30 -26.55
C ARG A 323 -21.97 27.26 -25.71
N GLN A 324 -22.63 27.96 -24.80
CA GLN A 324 -21.94 28.85 -23.88
C GLN A 324 -22.52 28.77 -22.48
N LEU A 325 -21.64 28.88 -21.49
CA LEU A 325 -22.02 28.73 -20.09
C LEU A 325 -21.36 29.83 -19.31
N ASP A 326 -22.12 30.44 -18.41
CA ASP A 326 -21.52 31.35 -17.45
C ASP A 326 -20.70 30.54 -16.41
N LEU A 327 -20.09 31.22 -15.45
CA LEU A 327 -19.24 30.52 -14.48
C LEU A 327 -20.03 29.45 -13.73
N THR A 328 -21.16 29.84 -13.16
CA THR A 328 -22.04 28.92 -12.46
C THR A 328 -22.42 27.71 -13.33
N GLY A 329 -22.75 27.96 -14.59
CA GLY A 329 -23.20 26.91 -15.50
C GLY A 329 -22.08 25.96 -15.84
N ILE A 330 -20.84 26.43 -15.70
CA ILE A 330 -19.70 25.55 -15.92
C ILE A 330 -19.69 24.47 -14.84
N LEU A 331 -20.00 24.88 -13.61
CA LEU A 331 -20.08 23.94 -12.49
C LEU A 331 -21.32 23.05 -12.60
N ILE A 332 -22.49 23.65 -12.86
CA ILE A 332 -23.74 22.89 -12.98
C ILE A 332 -23.65 21.76 -14.01
N LYS A 333 -23.14 22.08 -15.19
CA LYS A 333 -23.02 21.09 -16.25
C LYS A 333 -21.70 20.32 -16.16
N SER A 334 -20.81 20.77 -15.27
CA SER A 334 -19.51 20.15 -15.09
C SER A 334 -18.78 20.09 -16.45
N SER A 335 -18.43 21.26 -16.97
CA SER A 335 -17.77 21.37 -18.27
C SER A 335 -16.24 21.35 -18.15
N ASN A 336 -15.63 20.27 -18.64
CA ASN A 336 -14.17 20.16 -18.67
C ASN A 336 -13.55 21.23 -19.60
N VAL A 337 -14.13 21.39 -20.79
CA VAL A 337 -13.69 22.39 -21.76
C VAL A 337 -13.74 23.79 -21.13
N GLY A 338 -14.90 24.12 -20.54
CA GLY A 338 -15.08 25.39 -19.86
C GLY A 338 -14.03 25.69 -18.80
N ILE A 339 -13.73 24.70 -17.95
CA ILE A 339 -12.77 24.89 -16.87
C ILE A 339 -11.35 24.95 -17.45
N SER A 340 -11.10 24.21 -18.54
CA SER A 340 -9.83 24.25 -19.26
C SER A 340 -9.49 25.68 -19.73
N LYS A 341 -10.49 26.38 -20.26
CA LYS A 341 -10.28 27.69 -20.86
C LYS A 341 -9.99 28.71 -19.78
N ILE A 342 -10.73 28.63 -18.67
CA ILE A 342 -10.42 29.48 -17.54
C ILE A 342 -9.00 29.20 -17.04
N ALA A 343 -8.65 27.92 -16.99
CA ALA A 343 -7.34 27.45 -16.54
C ALA A 343 -6.20 27.96 -17.40
N PHE A 344 -6.36 27.88 -18.72
CA PHE A 344 -5.38 28.43 -19.66
C PHE A 344 -5.16 29.91 -19.38
N ASP A 345 -6.25 30.64 -19.16
CA ASP A 345 -6.16 32.07 -18.91
C ASP A 345 -5.46 32.43 -17.60
N ILE A 346 -5.73 31.69 -16.52
CA ILE A 346 -5.15 32.03 -15.21
C ILE A 346 -3.81 31.36 -14.91
N GLY A 347 -3.50 30.27 -15.62
CA GLY A 347 -2.24 29.55 -15.42
C GLY A 347 -2.32 28.52 -14.31
N ALA A 348 -1.49 27.48 -14.43
CA ALA A 348 -1.48 26.37 -13.48
C ALA A 348 -1.08 26.76 -12.06
N GLU A 349 -0.13 27.68 -11.93
CA GLU A 349 0.38 28.03 -10.61
C GLU A 349 -0.68 28.56 -9.65
N SER A 350 -1.61 29.38 -10.13
CA SER A 350 -2.72 29.86 -9.30
C SER A 350 -3.66 28.72 -8.88
N ILE A 351 -3.85 27.75 -9.77
CA ILE A 351 -4.69 26.58 -9.45
C ILE A 351 -3.98 25.65 -8.47
N TYR A 352 -2.75 25.25 -8.80
CA TYR A 352 -1.90 24.49 -7.88
C TYR A 352 -1.93 25.14 -6.49
N SER A 353 -1.78 26.46 -6.46
CA SER A 353 -1.74 27.24 -5.23
C SER A 353 -2.98 27.07 -4.34
N VAL A 354 -4.17 27.20 -4.90
CA VAL A 354 -5.41 27.08 -4.11
C VAL A 354 -5.57 25.64 -3.59
N MET A 355 -5.25 24.66 -4.44
CA MET A 355 -5.33 23.24 -4.09
C MET A 355 -4.42 22.84 -2.93
N GLN A 356 -3.20 23.37 -2.95
CA GLN A 356 -2.24 23.18 -1.87
C GLN A 356 -2.73 23.86 -0.59
N GLN A 357 -3.25 25.08 -0.75
CA GLN A 357 -3.75 25.87 0.35
C GLN A 357 -4.96 25.25 1.07
N VAL A 358 -5.87 24.61 0.32
CA VAL A 358 -7.01 23.94 0.96
C VAL A 358 -6.63 22.55 1.48
N GLY A 359 -5.41 22.14 1.21
CA GLY A 359 -4.83 20.94 1.80
C GLY A 359 -4.80 19.68 0.94
N LEU A 360 -5.13 19.79 -0.35
CA LEU A 360 -5.06 18.62 -1.25
C LEU A 360 -3.62 18.20 -1.45
N GLY A 361 -3.35 16.90 -1.27
CA GLY A 361 -1.98 16.38 -1.36
C GLY A 361 -1.05 16.88 -0.27
N GLN A 362 -1.62 17.42 0.82
CA GLN A 362 -0.85 17.88 1.98
C GLN A 362 -1.05 16.94 3.16
N ASP A 363 -0.08 16.96 4.08
CA ASP A 363 -0.15 16.18 5.31
C ASP A 363 -1.27 16.70 6.21
N THR A 364 -2.17 15.81 6.61
CA THR A 364 -3.29 16.23 7.45
C THR A 364 -2.86 16.47 8.88
N GLY A 365 -1.78 15.82 9.29
CA GLY A 365 -1.30 15.91 10.67
C GLY A 365 -2.07 15.05 11.67
N LEU A 366 -2.88 14.13 11.18
CA LEU A 366 -3.67 13.26 12.06
C LEU A 366 -2.86 12.07 12.56
N GLY A 367 -1.93 11.59 11.73
CA GLY A 367 -1.08 10.44 12.10
C GLY A 367 -1.83 9.13 12.28
N PHE A 368 -2.91 8.95 11.54
CA PHE A 368 -3.61 7.69 11.53
C PHE A 368 -2.73 6.66 10.79
N PRO A 369 -2.58 5.45 11.34
CA PRO A 369 -1.69 4.44 10.77
C PRO A 369 -1.96 4.17 9.30
N GLY A 370 -0.94 4.29 8.46
CA GLY A 370 -1.06 3.98 7.03
C GLY A 370 -1.64 5.12 6.18
N GLU A 371 -2.03 6.20 6.84
CA GLU A 371 -2.61 7.36 6.17
C GLU A 371 -1.72 7.92 5.06
N ARG A 372 -2.29 8.20 3.90
CA ARG A 372 -1.55 8.72 2.76
C ARG A 372 -1.73 10.23 2.64
N VAL A 373 -0.71 10.89 2.08
CA VAL A 373 -0.78 12.33 1.80
C VAL A 373 -1.31 12.65 0.40
N GLY A 374 -1.25 11.67 -0.50
CA GLY A 374 -1.60 11.90 -1.89
C GLY A 374 -0.50 12.70 -2.59
N ASN A 375 -0.78 13.17 -3.81
CA ASN A 375 0.21 13.89 -4.59
C ASN A 375 -0.37 15.08 -5.33
N LEU A 376 0.30 16.23 -5.21
CA LEU A 376 0.01 17.39 -6.04
C LEU A 376 1.26 17.64 -6.88
N PRO A 377 1.25 17.24 -8.16
CA PRO A 377 2.47 17.35 -8.97
C PRO A 377 2.97 18.78 -9.05
N ASN A 378 4.29 18.94 -8.99
CA ASN A 378 4.90 20.26 -9.16
C ASN A 378 5.85 20.24 -10.35
N HIS A 379 5.46 20.97 -11.38
CA HIS A 379 6.25 21.07 -12.62
C HIS A 379 6.97 22.42 -12.67
N ARG A 380 8.04 22.48 -13.44
CA ARG A 380 8.72 23.75 -13.66
C ARG A 380 8.03 24.48 -14.82
N LYS A 381 7.92 23.80 -15.96
CA LYS A 381 7.08 24.27 -17.06
C LYS A 381 5.78 23.46 -17.08
N TRP A 382 4.65 24.18 -17.09
CA TRP A 382 3.33 23.57 -17.15
C TRP A 382 2.77 23.63 -18.57
N PRO A 383 2.87 22.51 -19.32
CA PRO A 383 2.22 22.50 -20.65
C PRO A 383 0.70 22.61 -20.55
N LYS A 384 0.06 22.98 -21.66
CA LYS A 384 -1.39 23.23 -21.69
C LYS A 384 -2.22 22.05 -21.16
N ALA A 385 -1.90 20.85 -21.62
CA ALA A 385 -2.60 19.64 -21.21
C ALA A 385 -2.60 19.44 -19.68
N GLU A 386 -1.42 19.49 -19.08
CA GLU A 386 -1.26 19.26 -17.64
C GLU A 386 -1.96 20.33 -16.80
N THR A 387 -2.04 21.54 -17.35
CA THR A 387 -2.75 22.65 -16.71
C THR A 387 -4.26 22.34 -16.74
N ALA A 388 -4.69 21.77 -17.85
CA ALA A 388 -6.10 21.43 -18.06
C ALA A 388 -6.51 20.32 -17.11
N THR A 389 -5.80 19.20 -17.18
CA THR A 389 -6.13 18.00 -16.41
C THR A 389 -6.04 18.24 -14.91
N LEU A 390 -5.12 19.09 -14.48
CA LEU A 390 -5.08 19.50 -13.07
C LEU A 390 -6.35 20.26 -12.67
N ALA A 391 -6.79 21.18 -13.54
CA ALA A 391 -7.92 22.05 -13.24
C ALA A 391 -9.23 21.28 -13.14
N TYR A 392 -9.39 20.24 -13.95
CA TYR A 392 -10.58 19.38 -13.79
C TYR A 392 -10.33 18.04 -13.07
N GLY A 393 -9.26 17.99 -12.27
CA GLY A 393 -9.08 16.90 -11.30
C GLY A 393 -8.45 15.56 -11.71
N TYR A 394 -7.56 15.55 -12.68
CA TYR A 394 -6.72 14.36 -12.92
C TYR A 394 -5.25 14.73 -12.89
N GLY A 395 -4.39 13.75 -12.62
CA GLY A 395 -2.95 14.03 -12.45
C GLY A 395 -2.56 14.32 -11.02
N LEU A 396 -3.56 14.58 -10.16
CA LEU A 396 -3.38 14.67 -8.72
C LEU A 396 -4.13 13.51 -8.04
N SER A 397 -3.79 13.23 -6.79
CA SER A 397 -4.47 12.19 -6.04
C SER A 397 -4.64 12.65 -4.61
N VAL A 398 -5.81 12.35 -4.05
CA VAL A 398 -6.17 12.77 -2.70
C VAL A 398 -6.83 11.58 -1.96
N THR A 399 -7.08 11.77 -0.66
CA THR A 399 -7.89 10.84 0.10
C THR A 399 -9.28 11.45 0.37
N ALA A 400 -10.21 10.60 0.77
CA ALA A 400 -11.56 11.06 1.06
C ALA A 400 -11.54 12.10 2.18
N ILE A 401 -10.70 11.87 3.18
CA ILE A 401 -10.55 12.80 4.32
C ILE A 401 -10.02 14.15 3.85
N GLN A 402 -9.04 14.15 2.94
CA GLN A 402 -8.52 15.41 2.40
C GLN A 402 -9.56 16.19 1.61
N LEU A 403 -10.29 15.48 0.73
CA LEU A 403 -11.37 16.09 -0.04
C LEU A 403 -12.41 16.77 0.86
N ALA A 404 -12.83 16.09 1.93
CA ALA A 404 -13.80 16.64 2.88
C ALA A 404 -13.23 17.87 3.55
N HIS A 405 -11.94 17.78 3.90
CA HIS A 405 -11.23 18.92 4.52
C HIS A 405 -11.28 20.18 3.66
N ALA A 406 -10.99 20.01 2.37
CA ALA A 406 -11.04 21.11 1.43
C ALA A 406 -12.44 21.72 1.33
N TYR A 407 -13.46 20.86 1.24
CA TYR A 407 -14.85 21.35 1.20
C TYR A 407 -15.27 22.03 2.49
N ALA A 408 -14.70 21.59 3.62
CA ALA A 408 -14.94 22.22 4.92
C ALA A 408 -14.40 23.66 4.97
N ALA A 409 -13.22 23.88 4.38
CA ALA A 409 -12.61 25.20 4.33
C ALA A 409 -13.49 26.14 3.51
N LEU A 410 -13.89 25.68 2.33
CA LEU A 410 -14.79 26.41 1.46
C LEU A 410 -16.09 26.79 2.18
N ALA A 411 -16.67 25.83 2.88
CA ALA A 411 -17.91 26.02 3.64
C ALA A 411 -17.75 26.93 4.86
N ASN A 412 -16.56 26.94 5.44
CA ASN A 412 -16.30 27.73 6.63
C ASN A 412 -15.83 29.15 6.27
N ASP A 413 -16.50 29.73 5.26
CA ASP A 413 -16.16 31.06 4.73
C ASP A 413 -14.66 31.19 4.40
N GLY A 414 -14.10 30.12 3.84
CA GLY A 414 -12.71 30.13 3.40
C GLY A 414 -11.67 29.87 4.47
N LYS A 415 -12.11 29.69 5.71
CA LYS A 415 -11.21 29.42 6.83
C LYS A 415 -11.00 27.93 7.09
N SER A 416 -9.77 27.48 6.89
CA SER A 416 -9.39 26.10 7.13
C SER A 416 -9.05 25.91 8.61
N VAL A 417 -9.39 24.75 9.13
CA VAL A 417 -9.14 24.40 10.53
C VAL A 417 -8.50 23.01 10.58
N PRO A 418 -7.49 22.81 11.46
CA PRO A 418 -6.83 21.50 11.52
C PRO A 418 -7.81 20.35 11.73
N LEU A 419 -7.56 19.24 11.05
CA LEU A 419 -8.35 18.04 11.25
C LEU A 419 -8.12 17.49 12.65
N SER A 420 -9.13 16.85 13.20
CA SER A 420 -8.99 16.12 14.47
C SER A 420 -9.80 14.82 14.46
N MET A 421 -9.20 13.74 14.93
CA MET A 421 -9.96 12.50 15.16
C MET A 421 -10.25 12.24 16.63
N THR A 422 -10.01 13.25 17.47
CA THR A 422 -10.29 13.16 18.89
C THR A 422 -11.17 14.37 19.27
N ARG A 423 -12.00 14.22 20.29
CA ARG A 423 -12.90 15.28 20.72
C ARG A 423 -12.14 16.57 20.99
N VAL A 424 -12.63 17.67 20.42
CA VAL A 424 -12.04 19.00 20.55
C VAL A 424 -12.89 19.85 21.51
N ASP A 425 -12.28 20.35 22.57
CA ASP A 425 -12.98 21.23 23.51
C ASP A 425 -13.00 22.68 23.05
N ARG A 426 -11.82 23.23 22.73
CA ARG A 426 -11.71 24.61 22.25
C ARG A 426 -11.63 24.66 20.72
N VAL A 427 -12.55 25.42 20.11
CA VAL A 427 -12.54 25.66 18.67
C VAL A 427 -11.18 26.27 18.30
N PRO A 428 -10.41 25.57 17.43
CA PRO A 428 -9.04 25.98 17.14
C PRO A 428 -8.97 27.21 16.24
N ASP A 429 -7.81 27.86 16.22
CA ASP A 429 -7.58 28.99 15.37
C ASP A 429 -7.34 28.52 13.94
N GLY A 430 -8.21 28.98 13.03
CA GLY A 430 -8.12 28.61 11.64
C GLY A 430 -7.21 29.51 10.83
N VAL A 431 -6.95 29.10 9.60
CA VAL A 431 -6.16 29.87 8.64
C VAL A 431 -7.04 30.19 7.43
N GLN A 432 -7.11 31.47 7.08
CA GLN A 432 -7.83 31.91 5.91
C GLN A 432 -7.09 31.45 4.66
N VAL A 433 -7.63 30.44 3.99
CA VAL A 433 -6.99 29.89 2.80
C VAL A 433 -7.63 30.40 1.50
N ILE A 434 -8.83 30.92 1.63
CA ILE A 434 -9.58 31.52 0.54
C ILE A 434 -10.31 32.71 1.17
N SER A 435 -10.33 33.85 0.49
CA SER A 435 -10.98 35.05 1.03
C SER A 435 -12.47 34.81 1.28
N PRO A 436 -13.03 35.44 2.34
CA PRO A 436 -14.46 35.30 2.60
C PRO A 436 -15.33 35.52 1.36
N GLU A 437 -14.98 36.52 0.55
CA GLU A 437 -15.78 36.88 -0.61
C GLU A 437 -15.79 35.80 -1.69
N VAL A 438 -14.61 35.30 -2.07
CA VAL A 438 -14.48 34.20 -3.04
C VAL A 438 -15.25 32.97 -2.54
N ALA A 439 -14.94 32.55 -1.31
CA ALA A 439 -15.66 31.45 -0.64
C ALA A 439 -17.17 31.62 -0.70
N SER A 440 -17.66 32.80 -0.30
CA SER A 440 -19.09 33.13 -0.32
C SER A 440 -19.72 32.95 -1.71
N THR A 441 -19.04 33.49 -2.73
CA THR A 441 -19.50 33.36 -4.11
C THR A 441 -19.54 31.89 -4.55
N VAL A 442 -18.46 31.16 -4.26
CA VAL A 442 -18.34 29.76 -4.67
C VAL A 442 -19.36 28.88 -3.94
N GLN A 443 -19.62 29.17 -2.66
CA GLN A 443 -20.74 28.54 -1.92
C GLN A 443 -22.05 28.71 -2.67
N GLY A 444 -22.27 29.90 -3.24
CA GLY A 444 -23.50 30.21 -3.92
C GLY A 444 -23.63 29.41 -5.19
N MET A 445 -22.54 29.28 -5.92
CA MET A 445 -22.52 28.49 -7.15
C MET A 445 -22.79 27.01 -6.87
N LEU A 446 -22.21 26.51 -5.79
CA LEU A 446 -22.40 25.11 -5.41
C LEU A 446 -23.83 24.84 -4.95
N GLN A 447 -24.45 25.81 -4.27
CA GLN A 447 -25.86 25.69 -3.95
C GLN A 447 -26.71 25.58 -5.22
N GLN A 448 -26.38 26.41 -6.22
CA GLN A 448 -26.99 26.33 -7.53
C GLN A 448 -26.77 24.97 -8.18
N VAL A 449 -25.61 24.34 -7.92
CA VAL A 449 -25.35 23.02 -8.53
C VAL A 449 -26.38 21.99 -8.05
N VAL A 450 -26.80 22.13 -6.81
CA VAL A 450 -27.76 21.20 -6.25
C VAL A 450 -29.20 21.62 -6.63
N GLU A 451 -29.51 22.89 -6.42
CA GLU A 451 -30.90 23.40 -6.54
C GLU A 451 -31.42 23.90 -7.92
N ALA A 452 -30.54 24.29 -8.83
CA ALA A 452 -30.96 24.86 -10.11
C ALA A 452 -31.48 23.81 -11.08
N GLN A 453 -32.28 24.23 -12.05
CA GLN A 453 -32.81 23.35 -13.09
C GLN A 453 -31.65 22.81 -13.93
N GLY A 454 -31.69 21.51 -14.23
CA GLY A 454 -30.55 20.82 -14.81
C GLY A 454 -29.43 20.61 -13.81
N GLY A 455 -29.67 20.92 -12.54
CA GLY A 455 -28.71 20.71 -11.46
C GLY A 455 -28.59 19.26 -11.00
N VAL A 456 -27.96 19.06 -9.85
CA VAL A 456 -27.83 17.71 -9.29
C VAL A 456 -28.93 17.53 -8.24
N PHE A 457 -30.15 17.31 -8.73
CA PHE A 457 -31.32 17.34 -7.88
C PHE A 457 -31.38 16.20 -6.85
N ARG A 458 -30.78 15.04 -7.16
CA ARG A 458 -30.75 13.91 -6.20
C ARG A 458 -29.93 14.22 -4.94
N ALA A 459 -29.15 15.31 -4.98
CA ALA A 459 -28.37 15.75 -3.82
C ALA A 459 -29.15 16.68 -2.89
N GLN A 460 -30.36 17.07 -3.25
CA GLN A 460 -31.16 17.98 -2.42
C GLN A 460 -31.49 17.35 -1.08
N VAL A 461 -31.46 18.16 -0.02
CA VAL A 461 -31.62 17.65 1.34
C VAL A 461 -32.96 18.14 1.89
N PRO A 462 -33.92 17.22 2.11
CA PRO A 462 -35.24 17.63 2.59
C PRO A 462 -35.11 18.53 3.80
N GLY A 463 -35.69 19.72 3.73
CA GLY A 463 -35.65 20.66 4.83
C GLY A 463 -34.56 21.70 4.82
N TYR A 464 -33.49 21.45 4.06
CA TYR A 464 -32.30 22.29 4.10
C TYR A 464 -31.80 22.72 2.74
N HIS A 465 -31.10 23.85 2.71
CA HIS A 465 -30.39 24.24 1.51
C HIS A 465 -29.01 23.57 1.52
N ALA A 466 -28.71 22.84 0.46
CA ALA A 466 -27.45 22.11 0.35
C ALA A 466 -26.62 22.66 -0.79
N ALA A 467 -25.31 22.49 -0.71
CA ALA A 467 -24.40 22.93 -1.76
C ALA A 467 -23.44 21.78 -2.02
N GLY A 468 -22.96 21.63 -3.24
CA GLY A 468 -22.01 20.56 -3.49
C GLY A 468 -21.70 20.35 -4.95
N LYS A 469 -20.92 19.32 -5.24
CA LYS A 469 -20.43 19.09 -6.60
C LYS A 469 -20.20 17.59 -6.82
N SER A 470 -20.71 17.06 -7.92
CA SER A 470 -20.52 15.65 -8.23
C SER A 470 -19.22 15.43 -8.97
N GLY A 471 -18.83 14.17 -9.12
CA GLY A 471 -17.70 13.84 -9.96
C GLY A 471 -17.83 12.44 -10.45
N THR A 472 -17.27 12.16 -11.62
CA THR A 472 -17.33 10.85 -12.23
C THR A 472 -16.01 10.64 -12.96
N ALA A 473 -15.27 9.61 -12.56
CA ALA A 473 -13.90 9.49 -12.98
C ALA A 473 -13.66 8.09 -13.44
N ARG A 474 -13.05 7.95 -14.61
CA ARG A 474 -12.62 6.63 -15.07
C ARG A 474 -11.53 6.13 -14.14
N LYS A 475 -11.59 4.84 -13.82
CA LYS A 475 -10.55 4.24 -13.01
C LYS A 475 -9.31 3.98 -13.86
N VAL A 476 -8.15 3.90 -13.21
CA VAL A 476 -6.87 3.65 -13.91
C VAL A 476 -6.82 2.21 -14.37
N SER A 477 -6.30 1.98 -15.57
CA SER A 477 -6.16 0.62 -16.08
C SER A 477 -5.29 -0.25 -15.19
N VAL A 478 -5.76 -1.47 -14.95
CA VAL A 478 -4.95 -2.48 -14.29
C VAL A 478 -3.90 -2.93 -15.31
N GLY A 479 -2.63 -2.90 -14.91
CA GLY A 479 -1.58 -3.46 -15.74
C GLY A 479 -1.07 -2.63 -16.91
N THR A 480 -1.50 -1.39 -17.03
CA THR A 480 -0.89 -0.46 -17.98
C THR A 480 -1.18 0.98 -17.57
N LYS A 481 -0.58 1.92 -18.30
CA LYS A 481 -0.95 3.34 -18.16
C LYS A 481 -2.30 3.59 -18.82
N GLY A 482 -2.97 4.65 -18.40
CA GLY A 482 -4.21 5.03 -19.03
C GLY A 482 -5.42 4.60 -18.23
N TYR A 483 -6.58 4.65 -18.88
CA TYR A 483 -7.85 4.53 -18.17
C TYR A 483 -8.73 3.44 -18.72
N ARG A 484 -9.55 2.87 -17.84
CA ARG A 484 -10.47 1.83 -18.25
C ARG A 484 -11.71 2.45 -18.87
N GLU A 485 -12.25 1.78 -19.88
CA GLU A 485 -13.41 2.32 -20.59
C GLU A 485 -14.73 2.11 -19.85
N ASN A 486 -14.79 1.18 -18.91
CA ASN A 486 -16.07 0.85 -18.28
C ASN A 486 -16.14 0.84 -16.75
N ALA A 487 -15.06 1.22 -16.08
CA ALA A 487 -15.03 1.25 -14.62
C ALA A 487 -14.85 2.66 -14.12
N TYR A 488 -15.71 3.06 -13.20
CA TYR A 488 -15.79 4.45 -12.77
C TYR A 488 -15.79 4.52 -11.26
N ARG A 489 -15.43 5.69 -10.75
CA ARG A 489 -15.57 6.01 -9.36
C ARG A 489 -16.58 7.16 -9.31
N SER A 490 -17.62 7.02 -8.49
CA SER A 490 -18.68 8.00 -8.34
C SER A 490 -18.45 8.84 -7.11
N LEU A 491 -18.52 10.14 -7.27
CA LEU A 491 -18.17 11.03 -6.20
C LEU A 491 -19.23 12.07 -5.98
N PHE A 492 -19.42 12.43 -4.73
CA PHE A 492 -20.14 13.64 -4.44
C PHE A 492 -19.63 14.26 -3.16
N ALA A 493 -19.40 15.55 -3.21
CA ALA A 493 -18.80 16.28 -2.11
C ALA A 493 -19.61 17.54 -1.88
N GLY A 494 -19.81 17.92 -0.62
CA GLY A 494 -20.69 19.06 -0.35
C GLY A 494 -20.79 19.43 1.11
N PHE A 495 -21.68 20.35 1.41
CA PHE A 495 -21.89 20.80 2.78
C PHE A 495 -23.28 21.35 2.96
N ALA A 496 -23.66 21.60 4.21
CA ALA A 496 -24.99 22.11 4.53
C ALA A 496 -25.03 22.52 6.00
N PRO A 497 -26.02 23.34 6.40
CA PRO A 497 -26.99 24.02 5.54
C PRO A 497 -26.33 25.21 4.85
N ALA A 498 -26.74 25.53 3.63
CA ALA A 498 -26.12 26.60 2.83
C ALA A 498 -26.05 27.95 3.54
N THR A 499 -27.09 28.30 4.29
CA THR A 499 -27.15 29.61 4.97
C THR A 499 -26.22 29.75 6.18
N ASP A 500 -25.86 28.62 6.81
CA ASP A 500 -24.83 28.59 7.86
C ASP A 500 -24.26 27.17 7.92
N PRO A 501 -23.28 26.86 7.04
CA PRO A 501 -22.73 25.50 6.95
C PRO A 501 -22.18 24.94 8.27
N ARG A 502 -22.63 23.73 8.60
CA ARG A 502 -22.20 23.02 9.81
C ARG A 502 -21.36 21.81 9.46
N ILE A 503 -21.77 21.05 8.44
CA ILE A 503 -21.02 19.85 8.10
C ILE A 503 -20.75 19.69 6.60
N ALA A 504 -19.59 19.14 6.30
CA ALA A 504 -19.21 18.77 4.96
C ALA A 504 -19.19 17.26 4.87
N MET A 505 -19.35 16.72 3.67
CA MET A 505 -19.47 15.30 3.51
C MET A 505 -18.91 14.91 2.17
N VAL A 506 -18.27 13.74 2.10
CA VAL A 506 -17.72 13.22 0.84
C VAL A 506 -18.23 11.80 0.72
N VAL A 507 -18.83 11.46 -0.41
CA VAL A 507 -19.28 10.10 -0.65
C VAL A 507 -18.53 9.59 -1.87
N VAL A 508 -17.88 8.45 -1.75
CA VAL A 508 -17.11 7.87 -2.85
C VAL A 508 -17.53 6.41 -3.01
N ILE A 509 -17.86 6.01 -4.24
CA ILE A 509 -18.31 4.65 -4.52
C ILE A 509 -17.61 4.13 -5.76
N ASP A 510 -16.95 2.97 -5.62
CA ASP A 510 -16.09 2.43 -6.67
C ASP A 510 -16.75 1.37 -7.50
N GLU A 511 -16.66 1.51 -8.81
CA GLU A 511 -17.21 0.57 -9.77
C GLU A 511 -18.68 0.20 -9.54
N PRO A 512 -19.58 1.22 -9.44
CA PRO A 512 -20.97 0.76 -9.44
C PRO A 512 -21.27 0.13 -10.81
N SER A 513 -22.16 -0.87 -10.82
CA SER A 513 -22.44 -1.59 -12.06
C SER A 513 -23.93 -1.88 -12.28
N LYS A 514 -24.81 -1.34 -11.44
CA LYS A 514 -26.20 -1.81 -11.48
C LYS A 514 -27.27 -0.77 -11.88
N ALA A 515 -27.05 0.49 -11.55
CA ALA A 515 -28.06 1.55 -11.75
C ALA A 515 -27.42 2.89 -12.15
N GLY A 516 -26.46 2.83 -13.08
CA GLY A 516 -25.75 4.01 -13.54
C GLY A 516 -24.40 4.18 -12.84
N TYR A 517 -23.61 5.15 -13.30
CA TYR A 517 -22.29 5.35 -12.73
C TYR A 517 -21.92 6.80 -12.46
N PHE A 518 -22.72 7.73 -12.98
CA PHE A 518 -22.43 9.14 -12.74
C PHE A 518 -22.52 9.48 -11.27
N GLY A 519 -21.64 10.35 -10.80
CA GLY A 519 -21.62 10.79 -9.41
C GLY A 519 -22.99 11.23 -8.94
N GLY A 520 -23.67 12.04 -9.74
CA GLY A 520 -24.94 12.68 -9.33
C GLY A 520 -26.13 11.73 -9.36
N LEU A 521 -25.92 10.53 -9.90
CA LEU A 521 -26.94 9.47 -9.92
C LEU A 521 -26.72 8.49 -8.76
N VAL A 522 -25.44 8.23 -8.46
CA VAL A 522 -25.02 7.18 -7.53
C VAL A 522 -24.70 7.72 -6.13
N SER A 523 -23.84 8.72 -6.06
CA SER A 523 -23.37 9.21 -4.76
C SER A 523 -24.23 10.32 -4.18
N ALA A 524 -24.85 11.14 -5.03
CA ALA A 524 -25.67 12.28 -4.53
C ALA A 524 -26.87 11.86 -3.69
N PRO A 525 -27.61 10.80 -4.10
CA PRO A 525 -28.73 10.39 -3.24
C PRO A 525 -28.28 9.92 -1.83
N VAL A 526 -27.10 9.29 -1.76
CA VAL A 526 -26.49 8.97 -0.46
C VAL A 526 -26.21 10.23 0.34
N PHE A 527 -25.65 11.25 -0.33
CA PHE A 527 -25.40 12.55 0.28
C PHE A 527 -26.72 13.09 0.84
N SER A 528 -27.77 13.06 0.02
CA SER A 528 -29.06 13.58 0.44
C SER A 528 -29.52 12.95 1.75
N LYS A 529 -29.58 11.61 1.75
CA LYS A 529 -30.08 10.82 2.88
C LYS A 529 -29.25 11.02 4.16
N VAL A 530 -27.94 10.83 4.06
CA VAL A 530 -27.08 10.96 5.24
C VAL A 530 -27.08 12.38 5.81
N MET A 531 -27.04 13.38 4.93
CA MET A 531 -26.98 14.77 5.38
C MET A 531 -28.26 15.15 6.14
N ALA A 532 -29.40 14.71 5.62
CA ALA A 532 -30.68 15.03 6.24
C ALA A 532 -30.74 14.43 7.64
N GLY A 533 -30.31 13.18 7.76
CA GLY A 533 -30.26 12.50 9.06
C GLY A 533 -29.30 13.18 10.02
N ALA A 534 -28.10 13.50 9.53
CA ALA A 534 -27.06 14.09 10.36
C ALA A 534 -27.50 15.40 10.97
N LEU A 535 -28.03 16.30 10.14
CA LEU A 535 -28.46 17.63 10.58
C LEU A 535 -29.63 17.55 11.57
N ARG A 536 -30.49 16.55 11.40
CA ARG A 536 -31.57 16.30 12.36
C ARG A 536 -31.00 15.79 13.68
N LEU A 537 -30.15 14.76 13.62
CA LEU A 537 -29.48 14.23 14.81
C LEU A 537 -28.69 15.30 15.57
N MET A 538 -28.18 16.30 14.85
CA MET A 538 -27.46 17.40 15.51
C MET A 538 -28.37 18.58 15.87
N ASN A 539 -29.68 18.38 15.71
CA ASN A 539 -30.68 19.41 15.96
C ASN A 539 -30.37 20.76 15.29
N VAL A 540 -29.97 20.69 14.01
CA VAL A 540 -29.76 21.90 13.22
C VAL A 540 -31.11 22.37 12.68
N PRO A 541 -31.49 23.63 12.98
CA PRO A 541 -32.74 24.19 12.47
C PRO A 541 -32.78 24.19 10.95
N PRO A 542 -33.89 23.71 10.36
CA PRO A 542 -34.08 23.71 8.92
C PRO A 542 -34.05 25.13 8.40
N ASP A 543 -33.44 25.33 7.23
CA ASP A 543 -33.34 26.65 6.64
C ASP A 543 -34.12 26.76 5.33
N ASN A 544 -34.96 25.75 5.08
CA ASN A 544 -35.75 25.67 3.85
C ASN A 544 -37.04 24.90 4.10
N LEU A 545 -37.93 25.49 4.89
CA LEU A 545 -39.14 24.80 5.37
C LEU A 545 -40.14 24.28 4.32
N PRO A 546 -40.30 24.98 3.17
CA PRO A 546 -41.18 24.45 2.11
C PRO A 546 -40.84 23.04 1.58
N THR A 547 -39.76 22.44 2.09
CA THR A 547 -39.35 21.09 1.69
C THR A 547 -39.08 20.18 2.91
N ALA A 548 -39.27 20.71 4.11
CA ALA A 548 -39.08 19.98 5.37
C ALA A 548 -40.17 18.92 5.63
N THR A 549 -40.05 18.20 6.75
CA THR A 549 -41.03 17.18 7.13
C THR A 549 -41.59 17.40 8.54
N ALA B 42 28.21 11.58 -40.13
CA ALA B 42 27.61 10.42 -39.42
C ALA B 42 26.15 10.24 -39.80
N ILE B 43 25.77 8.99 -40.10
CA ILE B 43 24.36 8.64 -40.31
C ILE B 43 23.86 7.87 -39.09
N PRO B 44 23.15 8.56 -38.16
CA PRO B 44 22.61 7.96 -36.93
C PRO B 44 21.93 6.63 -37.19
N ALA B 45 22.32 5.60 -36.43
CA ALA B 45 21.72 4.27 -36.56
C ALA B 45 20.67 4.02 -35.49
N HIS B 46 19.72 3.15 -35.80
CA HIS B 46 18.62 2.81 -34.90
C HIS B 46 19.11 1.88 -33.80
N ARG B 47 18.92 2.28 -32.55
CA ARG B 47 19.19 1.38 -31.44
C ARG B 47 18.10 0.32 -31.35
N GLY B 48 18.49 -0.92 -31.05
CA GLY B 48 17.56 -2.05 -30.96
C GLY B 48 16.45 -1.81 -29.95
N LEU B 49 15.25 -2.28 -30.31
CA LEU B 49 14.07 -2.13 -29.46
C LEU B 49 14.12 -3.15 -28.33
N ILE B 50 13.83 -2.67 -27.13
CA ILE B 50 13.64 -3.53 -25.98
C ILE B 50 12.12 -3.68 -25.77
N THR B 51 11.67 -4.93 -25.66
CA THR B 51 10.28 -5.17 -25.33
C THR B 51 10.16 -5.99 -24.06
N ASP B 52 8.96 -6.09 -23.53
CA ASP B 52 8.67 -7.09 -22.51
C ASP B 52 8.43 -8.43 -23.23
N ARG B 53 7.93 -9.44 -22.52
CA ARG B 53 7.79 -10.79 -23.05
C ARG B 53 6.77 -10.93 -24.18
N ASN B 54 5.79 -10.02 -24.21
CA ASN B 54 4.70 -10.02 -25.19
C ASN B 54 4.84 -8.96 -26.29
N GLY B 55 5.96 -8.25 -26.32
CA GLY B 55 6.21 -7.25 -27.36
C GLY B 55 5.86 -5.81 -27.02
N GLU B 56 5.46 -5.55 -25.78
CA GLU B 56 5.29 -4.16 -25.31
C GLU B 56 6.63 -3.41 -25.26
N PRO B 57 6.73 -2.28 -25.98
CA PRO B 57 7.98 -1.51 -26.00
C PRO B 57 8.37 -0.94 -24.62
N LEU B 58 9.64 -1.10 -24.27
CA LEU B 58 10.17 -0.60 -23.01
C LEU B 58 11.23 0.48 -23.24
N ALA B 59 11.89 0.37 -24.39
CA ALA B 59 12.91 1.31 -24.78
C ALA B 59 12.92 1.38 -26.29
N VAL B 60 12.69 2.57 -26.81
CA VAL B 60 12.60 2.78 -28.25
C VAL B 60 13.40 4.00 -28.72
N SER B 61 14.01 3.89 -29.89
CA SER B 61 14.64 5.03 -30.55
C SER B 61 13.59 5.82 -31.34
N THR B 62 13.33 7.04 -30.90
CA THR B 62 12.37 7.92 -31.57
C THR B 62 13.12 8.91 -32.47
N PRO B 63 12.65 9.10 -33.72
CA PRO B 63 13.29 10.09 -34.61
C PRO B 63 13.07 11.51 -34.12
N VAL B 64 14.14 12.31 -34.13
CA VAL B 64 14.06 13.73 -33.79
C VAL B 64 14.86 14.57 -34.77
N THR B 65 14.60 15.87 -34.80
CA THR B 65 15.33 16.77 -35.71
C THR B 65 16.07 17.84 -34.93
N THR B 66 17.36 17.95 -35.19
CA THR B 66 18.17 18.99 -34.59
C THR B 66 18.57 20.02 -35.63
N LEU B 67 18.33 21.28 -35.31
CA LEU B 67 18.60 22.37 -36.22
C LEU B 67 20.00 22.92 -35.99
N TRP B 68 20.75 23.06 -37.07
CA TRP B 68 22.10 23.65 -37.01
C TRP B 68 22.27 24.78 -38.02
N ALA B 69 23.21 25.67 -37.73
CA ALA B 69 23.39 26.87 -38.53
C ALA B 69 24.83 27.13 -38.96
N ASN B 70 24.97 27.73 -40.14
CA ASN B 70 26.24 28.29 -40.60
C ASN B 70 26.19 29.80 -40.34
N PRO B 71 26.87 30.27 -39.27
CA PRO B 71 26.83 31.68 -38.92
C PRO B 71 27.18 32.57 -40.10
N LYS B 72 28.16 32.15 -40.90
CA LYS B 72 28.61 32.88 -42.09
C LYS B 72 27.46 33.19 -43.04
N GLU B 73 26.60 32.19 -43.28
CA GLU B 73 25.41 32.39 -44.11
C GLU B 73 24.34 33.20 -43.39
N LEU B 74 24.19 32.93 -42.09
CA LEU B 74 23.21 33.62 -41.26
C LEU B 74 23.50 35.11 -41.14
N MET B 75 24.77 35.49 -41.30
CA MET B 75 25.20 36.89 -41.28
C MET B 75 24.66 37.70 -42.46
N THR B 76 24.40 37.02 -43.58
CA THR B 76 23.91 37.67 -44.80
C THR B 76 22.39 37.87 -44.80
N ALA B 77 21.71 37.46 -43.73
CA ALA B 77 20.25 37.59 -43.66
C ALA B 77 19.83 38.08 -42.28
N LYS B 78 20.63 38.97 -41.72
CA LYS B 78 20.47 39.48 -40.38
C LYS B 78 19.04 39.92 -40.00
N GLU B 79 18.25 40.35 -40.98
CA GLU B 79 16.90 40.84 -40.72
C GLU B 79 15.89 39.73 -40.41
N ARG B 80 16.22 38.50 -40.81
CA ARG B 80 15.37 37.33 -40.56
C ARG B 80 15.50 36.81 -39.12
N TRP B 81 16.52 37.29 -38.42
CA TRP B 81 16.84 36.81 -37.08
C TRP B 81 15.70 36.90 -36.07
N PRO B 82 15.10 38.10 -35.88
CA PRO B 82 14.02 38.20 -34.89
C PRO B 82 12.95 37.11 -35.05
N GLN B 83 12.60 36.81 -36.30
CA GLN B 83 11.64 35.75 -36.61
C GLN B 83 12.19 34.37 -36.20
N LEU B 84 13.43 34.09 -36.61
CA LEU B 84 14.10 32.85 -36.29
C LEU B 84 14.22 32.67 -34.78
N ALA B 85 14.68 33.71 -34.09
CA ALA B 85 14.79 33.71 -32.63
C ALA B 85 13.46 33.39 -31.95
N ALA B 86 12.36 33.91 -32.51
CA ALA B 86 11.03 33.68 -31.96
C ALA B 86 10.48 32.29 -32.30
N ALA B 87 10.84 31.76 -33.47
CA ALA B 87 10.49 30.39 -33.84
C ALA B 87 11.26 29.36 -33.01
N LEU B 88 12.34 29.81 -32.37
CA LEU B 88 13.19 28.97 -31.53
C LEU B 88 12.95 29.28 -30.05
N GLY B 89 12.05 30.23 -29.78
CA GLY B 89 11.71 30.62 -28.42
C GLY B 89 12.86 31.21 -27.63
N GLN B 90 13.73 31.94 -28.31
CA GLN B 90 14.87 32.60 -27.67
C GLN B 90 14.77 34.12 -27.79
N ASP B 91 15.27 34.82 -26.77
CA ASP B 91 15.25 36.29 -26.76
C ASP B 91 16.04 36.86 -27.94
N THR B 92 15.42 37.79 -28.66
CA THR B 92 15.99 38.39 -29.88
C THR B 92 17.48 38.75 -29.74
N LYS B 93 17.81 39.52 -28.71
CA LYS B 93 19.17 40.01 -28.53
C LYS B 93 20.15 38.93 -28.10
N LEU B 94 19.70 38.03 -27.23
CA LEU B 94 20.50 36.89 -26.81
C LEU B 94 20.81 35.95 -27.99
N PHE B 95 19.81 35.69 -28.83
CA PHE B 95 20.04 34.91 -30.05
C PHE B 95 21.03 35.61 -30.98
N ALA B 96 20.87 36.93 -31.11
CA ALA B 96 21.76 37.75 -31.94
C ALA B 96 23.19 37.68 -31.44
N ASP B 97 23.37 37.84 -30.12
CA ASP B 97 24.67 37.71 -29.47
C ASP B 97 25.33 36.39 -29.82
N ARG B 98 24.55 35.30 -29.75
CA ARG B 98 25.04 33.95 -30.09
C ARG B 98 25.70 33.89 -31.46
N ILE B 99 24.94 34.25 -32.49
CA ILE B 99 25.43 34.19 -33.87
C ILE B 99 26.62 35.11 -34.10
N GLU B 100 26.59 36.29 -33.48
CA GLU B 100 27.68 37.27 -33.57
C GLU B 100 28.97 36.77 -32.92
N GLN B 101 28.84 36.11 -31.76
CA GLN B 101 30.00 35.54 -31.06
C GLN B 101 30.63 34.38 -31.84
N ASN B 102 29.85 33.74 -32.70
CA ASN B 102 30.33 32.64 -33.53
C ASN B 102 30.37 32.97 -35.03
N ALA B 103 30.31 34.27 -35.35
CA ALA B 103 30.27 34.75 -36.74
C ALA B 103 31.36 34.13 -37.61
N GLU B 104 32.54 33.95 -37.02
CA GLU B 104 33.72 33.38 -37.66
C GLU B 104 33.56 31.91 -38.09
N ARG B 105 32.68 31.19 -37.38
CA ARG B 105 32.55 29.74 -37.54
C ARG B 105 31.57 29.37 -38.67
N GLU B 106 31.62 28.10 -39.07
CA GLU B 106 30.75 27.58 -40.13
C GLU B 106 29.75 26.53 -39.63
N PHE B 107 29.84 26.21 -38.35
CA PHE B 107 28.92 25.29 -37.68
C PHE B 107 28.63 25.67 -36.23
N ILE B 108 27.35 25.73 -35.90
CA ILE B 108 26.85 25.72 -34.52
C ILE B 108 25.47 25.05 -34.50
N TYR B 109 25.11 24.47 -33.36
CA TYR B 109 23.77 23.94 -33.16
C TYR B 109 22.84 25.07 -32.77
N LEU B 110 21.60 25.01 -33.25
CA LEU B 110 20.59 25.97 -32.85
C LEU B 110 19.77 25.41 -31.71
N VAL B 111 19.16 24.26 -31.96
CA VAL B 111 18.38 23.55 -30.95
C VAL B 111 18.41 22.05 -31.27
N ARG B 112 18.33 21.22 -30.25
CA ARG B 112 18.39 19.76 -30.43
C ARG B 112 17.11 19.05 -29.96
N GLY B 113 16.74 18.00 -30.69
CA GLY B 113 15.68 17.10 -30.27
C GLY B 113 14.26 17.54 -30.50
N LEU B 114 14.05 18.43 -31.48
CA LEU B 114 12.69 18.81 -31.87
C LEU B 114 11.97 17.62 -32.50
N THR B 115 10.64 17.67 -32.53
CA THR B 115 9.86 16.70 -33.29
C THR B 115 10.15 16.95 -34.77
N PRO B 116 10.03 15.90 -35.61
CA PRO B 116 10.22 16.08 -37.06
C PRO B 116 9.39 17.21 -37.66
N GLU B 117 8.21 17.47 -37.08
CA GLU B 117 7.32 18.55 -37.52
C GLU B 117 7.87 19.93 -37.14
N GLN B 118 8.20 20.12 -35.86
CA GLN B 118 8.84 21.34 -35.37
C GLN B 118 10.04 21.73 -36.23
N GLY B 119 10.80 20.72 -36.66
CA GLY B 119 11.99 20.91 -37.48
C GLY B 119 11.71 21.48 -38.86
N GLU B 120 10.92 20.76 -39.66
CA GLU B 120 10.59 21.21 -41.02
C GLU B 120 9.63 22.41 -41.03
N GLY B 121 8.96 22.66 -39.90
CA GLY B 121 8.18 23.87 -39.69
C GLY B 121 9.06 25.12 -39.73
N VAL B 122 10.18 25.06 -39.01
CA VAL B 122 11.16 26.15 -39.03
C VAL B 122 11.95 26.17 -40.34
N ILE B 123 12.29 24.99 -40.86
CA ILE B 123 12.97 24.88 -42.17
C ILE B 123 12.13 25.51 -43.28
N ALA B 124 10.80 25.51 -43.08
CA ALA B 124 9.87 26.16 -44.00
C ALA B 124 10.09 27.67 -44.13
N LEU B 125 10.65 28.30 -43.10
CA LEU B 125 10.96 29.74 -43.12
C LEU B 125 12.02 30.12 -44.16
N LYS B 126 12.72 29.11 -44.68
CA LYS B 126 13.73 29.31 -45.73
C LYS B 126 14.84 30.30 -45.36
N VAL B 127 15.12 30.43 -44.06
CA VAL B 127 16.20 31.31 -43.59
C VAL B 127 17.54 30.71 -44.02
N PRO B 128 18.33 31.48 -44.79
CA PRO B 128 19.63 30.99 -45.29
C PRO B 128 20.62 30.72 -44.17
N GLY B 129 21.35 29.61 -44.29
CA GLY B 129 22.29 29.18 -43.26
C GLY B 129 21.69 28.25 -42.22
N VAL B 130 20.42 27.91 -42.38
CA VAL B 130 19.70 27.04 -41.44
C VAL B 130 19.49 25.65 -42.05
N TYR B 131 20.01 24.62 -41.37
CA TYR B 131 19.94 23.23 -41.85
C TYR B 131 19.45 22.26 -40.77
N SER B 132 18.75 21.22 -41.20
CA SER B 132 18.22 20.20 -40.27
C SER B 132 18.95 18.87 -40.38
N ILE B 133 19.20 18.24 -39.23
CA ILE B 133 19.72 16.88 -39.15
C ILE B 133 18.67 15.98 -38.52
N GLU B 134 18.42 14.85 -39.16
CA GLU B 134 17.52 13.81 -38.65
C GLU B 134 18.31 12.85 -37.73
N GLU B 135 17.96 12.82 -36.45
CA GLU B 135 18.59 11.89 -35.50
C GLU B 135 17.61 11.21 -34.52
N PHE B 136 18.14 10.50 -33.52
CA PHE B 136 17.32 9.67 -32.61
C PHE B 136 17.41 10.06 -31.14
N ARG B 137 16.28 9.92 -30.45
CA ARG B 137 16.22 10.04 -29.00
C ARG B 137 15.70 8.73 -28.41
N ARG B 138 16.41 8.19 -27.43
CA ARG B 138 15.94 7.00 -26.75
C ARG B 138 14.82 7.37 -25.79
N PHE B 139 13.67 6.71 -25.96
CA PHE B 139 12.49 6.98 -25.14
C PHE B 139 12.03 5.72 -24.39
N TYR B 140 11.65 5.91 -23.12
CA TYR B 140 11.21 4.81 -22.27
C TYR B 140 9.72 4.96 -21.94
N PRO B 141 8.85 4.27 -22.71
CA PRO B 141 7.42 4.50 -22.62
C PRO B 141 6.81 4.24 -21.24
N ALA B 142 7.43 3.39 -20.42
CA ALA B 142 6.88 3.10 -19.11
C ALA B 142 7.56 3.89 -17.97
N GLY B 143 8.57 4.67 -18.33
CA GLY B 143 9.28 5.54 -17.36
C GLY B 143 9.74 4.83 -16.10
N GLU B 144 9.35 5.40 -14.96
CA GLU B 144 9.82 4.92 -13.65
C GLU B 144 9.33 3.52 -13.26
N VAL B 145 8.30 3.03 -13.93
CA VAL B 145 7.72 1.69 -13.68
C VAL B 145 8.76 0.59 -13.88
N VAL B 146 9.67 0.77 -14.83
CA VAL B 146 10.63 -0.28 -15.16
C VAL B 146 12.08 0.25 -15.35
N ALA B 147 12.35 1.41 -14.76
CA ALA B 147 13.62 2.12 -14.89
C ALA B 147 14.82 1.29 -14.46
N HIS B 148 14.69 0.58 -13.33
CA HIS B 148 15.77 -0.20 -12.75
C HIS B 148 16.16 -1.38 -13.64
N ALA B 149 15.18 -2.18 -14.05
CA ALA B 149 15.43 -3.27 -15.00
C ALA B 149 16.07 -2.77 -16.30
N VAL B 150 15.42 -1.79 -16.92
CA VAL B 150 15.79 -1.34 -18.27
C VAL B 150 17.04 -0.44 -18.30
N GLY B 151 17.10 0.50 -17.37
CA GLY B 151 18.22 1.43 -17.32
C GLY B 151 18.11 2.45 -18.42
N PHE B 152 19.24 2.98 -18.87
CA PHE B 152 19.23 4.05 -19.86
C PHE B 152 20.56 4.26 -20.56
N THR B 153 20.51 5.01 -21.66
CA THR B 153 21.71 5.40 -22.39
C THR B 153 22.03 6.87 -22.06
N ASP B 154 23.30 7.25 -22.19
CA ASP B 154 23.72 8.63 -21.95
C ASP B 154 23.71 9.45 -23.25
N VAL B 155 24.27 10.65 -23.19
CA VAL B 155 24.33 11.55 -24.37
C VAL B 155 24.90 10.89 -25.62
N ASP B 156 25.91 10.04 -25.43
CA ASP B 156 26.66 9.41 -26.52
C ASP B 156 26.02 8.13 -27.05
N ASP B 157 24.80 7.83 -26.59
CA ASP B 157 24.04 6.64 -27.01
C ASP B 157 24.60 5.33 -26.46
N ARG B 158 25.26 5.39 -25.31
CA ARG B 158 25.82 4.20 -24.69
C ARG B 158 25.05 3.81 -23.43
N GLY B 159 24.74 2.52 -23.31
CA GLY B 159 24.08 2.01 -22.11
C GLY B 159 24.96 2.25 -20.90
N ARG B 160 24.40 2.88 -19.87
CA ARG B 160 25.14 3.14 -18.63
C ARG B 160 24.55 2.43 -17.41
N GLU B 161 23.30 2.00 -17.53
CA GLU B 161 22.61 1.30 -16.45
C GLU B 161 21.76 0.15 -16.99
N GLY B 162 21.56 -0.85 -16.15
CA GLY B 162 20.60 -1.91 -16.39
C GLY B 162 20.82 -2.70 -17.66
N ILE B 163 19.72 -3.16 -18.24
CA ILE B 163 19.74 -3.95 -19.47
C ILE B 163 20.40 -3.19 -20.61
N GLU B 164 20.16 -1.87 -20.68
CA GLU B 164 20.79 -1.03 -21.71
C GLU B 164 22.30 -1.21 -21.68
N LEU B 165 22.88 -1.26 -20.47
CA LEU B 165 24.30 -1.61 -20.32
C LEU B 165 24.58 -3.08 -20.64
N ALA B 166 23.86 -4.00 -19.99
CA ALA B 166 24.15 -5.44 -20.14
C ALA B 166 24.17 -5.92 -21.60
N PHE B 167 23.30 -5.37 -22.42
CA PHE B 167 23.13 -5.81 -23.80
C PHE B 167 23.52 -4.76 -24.83
N ASP B 168 24.35 -3.81 -24.41
CA ASP B 168 24.75 -2.67 -25.24
C ASP B 168 25.24 -3.08 -26.64
N GLU B 169 26.07 -4.12 -26.71
CA GLU B 169 26.58 -4.62 -27.99
C GLU B 169 25.45 -5.07 -28.92
N TRP B 170 24.53 -5.86 -28.37
CA TRP B 170 23.39 -6.40 -29.10
C TRP B 170 22.48 -5.27 -29.55
N LEU B 171 22.24 -4.31 -28.65
CA LEU B 171 21.29 -3.24 -28.90
C LEU B 171 21.81 -2.10 -29.78
N ALA B 172 23.10 -1.77 -29.65
CA ALA B 172 23.68 -0.67 -30.42
C ALA B 172 23.69 -0.99 -31.92
N GLY B 173 23.40 0.02 -32.72
CA GLY B 173 23.58 -0.08 -34.16
C GLY B 173 24.96 0.42 -34.54
N VAL B 174 25.26 0.38 -35.84
CA VAL B 174 26.47 1.00 -36.34
C VAL B 174 26.08 2.13 -37.29
N PRO B 175 26.53 3.36 -36.97
CA PRO B 175 26.20 4.52 -37.81
C PRO B 175 26.75 4.41 -39.22
N GLY B 176 26.03 4.99 -40.17
CA GLY B 176 26.50 5.07 -41.55
C GLY B 176 27.39 6.27 -41.75
N LYS B 177 27.72 6.54 -43.01
CA LYS B 177 28.62 7.63 -43.38
C LYS B 177 28.23 8.17 -44.75
N ARG B 178 28.43 9.48 -44.95
CA ARG B 178 28.18 10.13 -46.24
C ARG B 178 29.02 11.39 -46.42
N LYS B 196 29.09 4.26 -46.43
CA LYS B 196 28.71 3.17 -45.53
C LYS B 196 27.28 3.37 -45.02
N ASN B 197 26.45 2.35 -45.22
CA ASN B 197 25.08 2.33 -44.72
C ASN B 197 25.00 2.20 -43.20
N ALA B 198 23.97 2.79 -42.60
CA ALA B 198 23.68 2.58 -41.18
C ALA B 198 22.98 1.24 -41.00
N LYS B 199 23.40 0.48 -39.98
CA LYS B 199 22.72 -0.77 -39.66
C LYS B 199 22.13 -0.67 -38.24
N PRO B 200 20.85 -1.04 -38.09
CA PRO B 200 20.18 -0.91 -36.79
C PRO B 200 20.56 -2.04 -35.83
N GLY B 201 20.50 -1.75 -34.52
CA GLY B 201 20.68 -2.76 -33.50
C GLY B 201 19.55 -3.79 -33.54
N LYS B 202 19.70 -4.86 -32.77
CA LYS B 202 18.73 -5.98 -32.78
C LYS B 202 17.69 -5.85 -31.67
N THR B 203 16.51 -6.42 -31.91
CA THR B 203 15.46 -6.48 -30.90
C THR B 203 15.84 -7.39 -29.72
N LEU B 204 15.38 -7.05 -28.53
CA LEU B 204 15.57 -7.87 -27.34
C LEU B 204 14.28 -7.93 -26.55
N ALA B 205 13.82 -9.16 -26.26
CA ALA B 205 12.60 -9.36 -25.48
C ALA B 205 12.92 -9.82 -24.07
N LEU B 206 12.52 -9.00 -23.10
CA LEU B 206 12.74 -9.31 -21.69
C LEU B 206 11.77 -10.36 -21.19
N SER B 207 12.10 -11.00 -20.07
CA SER B 207 11.19 -11.96 -19.44
C SER B 207 10.03 -11.26 -18.71
N ILE B 208 10.21 -9.97 -18.41
CA ILE B 208 9.20 -9.16 -17.71
C ILE B 208 7.85 -9.18 -18.43
N ASP B 209 6.78 -9.37 -17.66
CA ASP B 209 5.44 -9.08 -18.16
C ASP B 209 5.07 -7.67 -17.69
N LEU B 210 5.01 -6.70 -18.61
CA LEU B 210 4.75 -5.30 -18.26
C LEU B 210 3.47 -5.09 -17.45
N ARG B 211 2.46 -5.92 -17.71
CA ARG B 211 1.21 -5.83 -16.94
C ARG B 211 1.43 -6.13 -15.47
N LEU B 212 2.20 -7.19 -15.20
CA LEU B 212 2.54 -7.56 -13.81
C LEU B 212 3.50 -6.55 -13.20
N GLN B 213 4.40 -6.03 -14.03
CA GLN B 213 5.33 -5.00 -13.60
C GLN B 213 4.57 -3.73 -13.14
N TYR B 214 3.57 -3.28 -13.91
CA TYR B 214 2.75 -2.13 -13.51
C TYR B 214 2.08 -2.39 -12.17
N LEU B 215 1.42 -3.55 -12.06
CA LEU B 215 0.74 -3.95 -10.83
C LEU B 215 1.71 -3.99 -9.65
N ALA B 216 2.85 -4.66 -9.82
CA ALA B 216 3.89 -4.70 -8.78
C ALA B 216 4.40 -3.30 -8.39
N HIS B 217 4.69 -2.46 -9.38
CA HIS B 217 5.21 -1.12 -9.11
C HIS B 217 4.22 -0.32 -8.28
N ARG B 218 2.96 -0.30 -8.69
CA ARG B 218 1.96 0.55 -8.04
C ARG B 218 1.71 0.10 -6.60
N GLU B 219 1.61 -1.20 -6.38
CA GLU B 219 1.34 -1.75 -5.05
C GLU B 219 2.52 -1.58 -4.08
N LEU B 220 3.74 -1.82 -4.56
CA LEU B 220 4.94 -1.55 -3.76
C LEU B 220 5.04 -0.08 -3.36
N ARG B 221 4.75 0.80 -4.31
CA ARG B 221 4.73 2.23 -4.04
C ARG B 221 3.68 2.57 -2.98
N ASN B 222 2.48 2.02 -3.13
CA ASN B 222 1.43 2.23 -2.14
C ASN B 222 1.86 1.83 -0.72
N ALA B 223 2.48 0.66 -0.61
CA ALA B 223 2.95 0.13 0.68
C ALA B 223 4.11 0.95 1.27
N LEU B 224 5.00 1.40 0.41
CA LEU B 224 6.11 2.24 0.86
C LEU B 224 5.52 3.46 1.54
N LEU B 225 4.49 4.04 0.92
CA LEU B 225 3.91 5.30 1.37
C LEU B 225 2.98 5.10 2.58
N GLU B 226 2.13 4.08 2.51
CA GLU B 226 1.32 3.69 3.68
C GLU B 226 2.20 3.45 4.92
N ASN B 227 3.31 2.74 4.74
CA ASN B 227 4.14 2.34 5.89
C ASN B 227 5.23 3.34 6.28
N GLY B 228 5.45 4.34 5.43
CA GLY B 228 6.52 5.33 5.65
C GLY B 228 7.90 4.70 5.59
N ALA B 229 8.04 3.70 4.72
CA ALA B 229 9.27 2.95 4.58
C ALA B 229 10.28 3.79 3.81
N LYS B 230 11.57 3.45 3.88
CA LYS B 230 12.59 4.19 3.15
C LYS B 230 12.87 3.57 1.79
N ALA B 231 12.72 2.25 1.70
CA ALA B 231 13.00 1.54 0.46
C ALA B 231 12.24 0.21 0.43
N GLY B 232 12.17 -0.40 -0.75
CA GLY B 232 11.48 -1.66 -0.89
C GLY B 232 11.85 -2.35 -2.19
N SER B 233 11.64 -3.65 -2.25
CA SER B 233 11.81 -4.42 -3.47
C SER B 233 10.63 -5.39 -3.61
N LEU B 234 10.27 -5.72 -4.84
CA LEU B 234 9.29 -6.77 -5.08
C LEU B 234 9.71 -7.52 -6.33
N VAL B 235 9.81 -8.83 -6.21
CA VAL B 235 10.17 -9.67 -7.35
C VAL B 235 9.09 -10.72 -7.58
N ILE B 236 8.74 -10.95 -8.84
CA ILE B 236 7.83 -12.04 -9.20
C ILE B 236 8.52 -12.94 -10.20
N MET B 237 8.41 -14.25 -9.97
CA MET B 237 9.09 -15.23 -10.81
C MET B 237 8.14 -16.33 -11.28
N ASP B 238 8.29 -16.73 -12.54
CA ASP B 238 7.65 -17.92 -13.05
C ASP B 238 8.39 -19.13 -12.50
N VAL B 239 7.71 -19.98 -11.72
CA VAL B 239 8.40 -21.10 -11.05
C VAL B 239 8.72 -22.27 -11.99
N LYS B 240 8.07 -22.32 -13.15
CA LYS B 240 8.28 -23.43 -14.07
C LYS B 240 9.37 -23.17 -15.11
N THR B 241 9.56 -21.90 -15.46
CA THR B 241 10.46 -21.53 -16.52
C THR B 241 11.69 -20.75 -16.04
N GLY B 242 11.60 -20.18 -14.85
CA GLY B 242 12.68 -19.35 -14.31
C GLY B 242 12.65 -17.88 -14.72
N GLU B 243 11.64 -17.48 -15.49
CA GLU B 243 11.58 -16.10 -15.98
C GLU B 243 11.20 -15.13 -14.86
N ILE B 244 11.95 -14.04 -14.75
CA ILE B 244 11.61 -12.93 -13.85
C ILE B 244 10.50 -12.14 -14.53
N LEU B 245 9.30 -12.26 -13.97
CA LEU B 245 8.10 -11.69 -14.61
C LEU B 245 7.90 -10.24 -14.17
N ALA B 246 8.45 -9.91 -13.01
CA ALA B 246 8.35 -8.55 -12.49
C ALA B 246 9.48 -8.30 -11.51
N MET B 247 9.98 -7.07 -11.51
CA MET B 247 11.05 -6.67 -10.61
C MET B 247 10.99 -5.17 -10.44
N THR B 248 10.54 -4.72 -9.27
CA THR B 248 10.37 -3.29 -9.02
C THR B 248 11.07 -2.92 -7.70
N ASN B 249 11.54 -1.69 -7.61
CA ASN B 249 12.09 -1.17 -6.38
C ASN B 249 11.60 0.25 -6.12
N GLN B 250 11.67 0.62 -4.86
CA GLN B 250 11.53 1.99 -4.44
C GLN B 250 12.77 2.32 -3.60
N PRO B 251 13.31 3.54 -3.74
CA PRO B 251 12.83 4.63 -4.61
C PRO B 251 13.15 4.36 -6.07
N THR B 252 12.46 5.05 -6.97
CA THR B 252 12.73 4.95 -8.40
C THR B 252 12.89 6.35 -9.00
N TYR B 253 13.07 6.40 -10.31
CA TYR B 253 13.27 7.67 -11.00
C TYR B 253 12.72 7.54 -12.42
N ASN B 254 12.50 8.70 -13.04
CA ASN B 254 12.03 8.77 -14.43
C ASN B 254 13.23 8.82 -15.39
N PRO B 255 13.47 7.73 -16.16
CA PRO B 255 14.65 7.77 -17.00
C PRO B 255 14.53 8.72 -18.20
N ASN B 256 13.31 9.21 -18.47
CA ASN B 256 13.10 10.16 -19.57
C ASN B 256 13.42 11.59 -19.16
N ASN B 257 13.40 11.86 -17.85
CA ASN B 257 13.78 13.17 -17.32
C ASN B 257 14.64 12.98 -16.07
N ARG B 258 15.96 13.09 -16.24
CA ARG B 258 16.88 12.79 -15.15
C ARG B 258 17.46 14.03 -14.50
N ARG B 259 16.83 15.18 -14.74
CA ARG B 259 17.34 16.46 -14.30
C ARG B 259 17.81 16.47 -12.83
N ASN B 260 16.91 16.13 -11.90
CA ASN B 260 17.28 16.15 -10.47
C ASN B 260 17.58 14.78 -9.86
N LEU B 261 18.16 13.89 -10.68
CA LEU B 261 18.40 12.52 -10.28
C LEU B 261 19.49 12.44 -9.20
N GLN B 262 19.18 11.70 -8.13
CA GLN B 262 20.15 11.38 -7.09
C GLN B 262 20.54 9.91 -7.20
N PRO B 263 21.81 9.59 -6.88
CA PRO B 263 22.30 8.21 -7.04
C PRO B 263 21.52 7.14 -6.26
N ALA B 264 20.96 7.48 -5.09
CA ALA B 264 20.21 6.49 -4.30
C ALA B 264 19.07 5.83 -5.10
N ALA B 265 18.35 6.67 -5.87
CA ALA B 265 17.15 6.24 -6.59
C ALA B 265 17.42 5.32 -7.78
N MET B 266 18.68 5.23 -8.20
CA MET B 266 19.03 4.48 -9.41
C MET B 266 19.22 2.98 -9.15
N ARG B 267 19.23 2.58 -7.88
CA ARG B 267 19.61 1.21 -7.50
C ARG B 267 18.54 0.17 -7.83
N ASN B 268 18.88 -0.81 -8.68
CA ASN B 268 18.03 -2.01 -8.79
C ASN B 268 18.26 -2.94 -7.60
N ARG B 269 17.76 -2.52 -6.44
CA ARG B 269 18.00 -3.17 -5.16
C ARG B 269 17.71 -4.67 -5.18
N ALA B 270 16.66 -5.08 -5.87
CA ALA B 270 16.33 -6.50 -5.97
C ALA B 270 17.56 -7.34 -6.40
N MET B 271 18.53 -6.72 -7.06
CA MET B 271 19.66 -7.47 -7.62
C MET B 271 21.00 -7.10 -7.03
N ILE B 272 21.11 -5.86 -6.53
CA ILE B 272 22.40 -5.30 -6.15
C ILE B 272 22.52 -5.02 -4.65
N ASP B 273 21.40 -5.09 -3.93
CA ASP B 273 21.46 -5.03 -2.49
C ASP B 273 21.29 -6.40 -1.84
N VAL B 274 22.01 -6.62 -0.75
CA VAL B 274 21.91 -7.89 -0.03
C VAL B 274 21.40 -7.65 1.37
N PHE B 275 20.81 -8.68 1.95
CA PHE B 275 20.22 -8.57 3.29
C PHE B 275 20.18 -9.94 3.94
N GLU B 276 20.08 -9.97 5.25
CA GLU B 276 19.86 -11.22 5.96
C GLU B 276 18.37 -11.58 5.84
N PRO B 277 18.06 -12.76 5.29
CA PRO B 277 16.69 -13.19 5.03
C PRO B 277 15.79 -13.45 6.26
N GLY B 278 16.38 -13.53 7.46
CA GLY B 278 15.62 -13.79 8.68
C GLY B 278 14.82 -15.09 8.63
N SER B 279 13.58 -15.04 9.11
CA SER B 279 12.75 -16.24 9.22
C SER B 279 12.39 -16.89 7.89
N THR B 280 12.58 -16.16 6.80
CA THR B 280 12.17 -16.63 5.48
C THR B 280 13.05 -17.79 4.97
N VAL B 281 14.15 -18.08 5.67
CA VAL B 281 14.89 -19.30 5.31
C VAL B 281 14.54 -20.51 6.19
N LYS B 282 13.69 -20.30 7.19
CA LYS B 282 13.21 -21.39 8.05
C LYS B 282 12.67 -22.60 7.27
N PRO B 283 11.88 -22.37 6.19
CA PRO B 283 11.42 -23.54 5.41
C PRO B 283 12.54 -24.35 4.77
N PHE B 284 13.71 -23.75 4.60
CA PHE B 284 14.84 -24.50 4.04
C PHE B 284 15.58 -25.29 5.13
N SER B 285 15.66 -24.70 6.32
CA SER B 285 16.11 -25.42 7.52
C SER B 285 15.19 -26.64 7.75
N MET B 286 13.88 -26.39 7.67
CA MET B 286 12.88 -27.44 7.79
C MET B 286 13.00 -28.51 6.70
N SER B 287 13.40 -28.10 5.50
CA SER B 287 13.62 -29.06 4.41
C SER B 287 14.80 -29.95 4.72
N ALA B 288 15.86 -29.35 5.26
CA ALA B 288 17.03 -30.11 5.66
C ALA B 288 16.69 -31.15 6.74
N ALA B 289 15.88 -30.73 7.72
CA ALA B 289 15.39 -31.60 8.80
C ALA B 289 14.67 -32.83 8.26
N LEU B 290 13.71 -32.61 7.37
CA LEU B 290 12.90 -33.70 6.84
C LEU B 290 13.70 -34.60 5.90
N ALA B 291 14.75 -34.06 5.29
CA ALA B 291 15.62 -34.84 4.41
C ALA B 291 16.63 -35.62 5.24
N SER B 292 16.75 -35.29 6.52
CA SER B 292 17.76 -35.90 7.38
C SER B 292 17.34 -37.28 7.91
N GLY B 293 16.06 -37.61 7.80
CA GLY B 293 15.54 -38.88 8.32
C GLY B 293 15.28 -38.83 9.82
N ARG B 294 15.86 -37.81 10.47
CA ARG B 294 15.80 -37.65 11.91
C ARG B 294 14.54 -36.92 12.39
N TRP B 295 13.74 -36.39 11.46
CA TRP B 295 12.55 -35.60 11.80
C TRP B 295 11.35 -35.95 10.95
N LYS B 296 10.16 -35.72 11.49
CA LYS B 296 8.91 -35.94 10.79
C LYS B 296 7.86 -34.92 11.25
N PRO B 297 6.91 -34.55 10.37
CA PRO B 297 5.99 -33.44 10.64
C PRO B 297 5.31 -33.50 12.01
N SER B 298 5.07 -34.72 12.49
CA SER B 298 4.35 -34.92 13.75
C SER B 298 5.19 -34.67 15.01
N ASP B 299 6.52 -34.64 14.85
CA ASP B 299 7.42 -34.37 15.98
C ASP B 299 7.07 -33.07 16.68
N ILE B 300 7.19 -33.07 17.99
CA ILE B 300 6.92 -31.89 18.80
C ILE B 300 8.20 -31.44 19.48
N VAL B 301 8.42 -30.13 19.50
CA VAL B 301 9.63 -29.56 20.08
C VAL B 301 9.20 -28.67 21.24
N ASP B 302 9.94 -28.75 22.34
CA ASP B 302 9.66 -27.93 23.50
C ASP B 302 10.39 -26.59 23.40
N VAL B 303 9.62 -25.51 23.38
CA VAL B 303 10.19 -24.17 23.15
C VAL B 303 10.13 -23.28 24.38
N TYR B 304 9.59 -23.81 25.48
CA TYR B 304 9.59 -23.14 26.76
C TYR B 304 11.04 -23.00 27.24
N PRO B 305 11.39 -21.85 27.84
CA PRO B 305 10.58 -20.65 28.15
C PRO B 305 10.52 -19.58 27.05
N GLY B 306 10.84 -19.93 25.81
CA GLY B 306 10.88 -18.93 24.73
C GLY B 306 12.26 -18.31 24.58
N THR B 307 13.21 -18.83 25.36
CA THR B 307 14.63 -18.46 25.28
C THR B 307 15.49 -19.72 25.36
N LEU B 308 16.70 -19.64 24.84
CA LEU B 308 17.64 -20.76 24.89
C LEU B 308 19.06 -20.25 24.91
N GLN B 309 19.66 -20.25 26.10
CA GLN B 309 21.03 -19.79 26.30
C GLN B 309 22.08 -20.76 25.79
N ILE B 310 23.05 -20.23 25.06
CA ILE B 310 24.20 -20.99 24.56
C ILE B 310 25.45 -20.12 24.61
N GLY B 311 26.32 -20.40 25.58
CA GLY B 311 27.50 -19.57 25.83
C GLY B 311 27.10 -18.22 26.40
N ARG B 312 27.46 -17.15 25.71
CA ARG B 312 27.12 -15.80 26.16
C ARG B 312 25.98 -15.20 25.34
N TYR B 313 25.47 -15.98 24.38
CA TYR B 313 24.42 -15.53 23.47
C TYR B 313 23.10 -16.23 23.80
N THR B 314 22.00 -15.48 23.75
CA THR B 314 20.66 -16.02 23.98
C THR B 314 19.77 -15.96 22.73
N ILE B 315 19.29 -17.12 22.30
CA ILE B 315 18.29 -17.21 21.24
C ILE B 315 16.94 -16.84 21.87
N ARG B 316 16.26 -15.86 21.29
CA ARG B 316 14.98 -15.39 21.84
C ARG B 316 13.83 -15.55 20.85
N ASP B 317 12.67 -15.96 21.35
CA ASP B 317 11.44 -15.97 20.57
C ASP B 317 10.68 -14.66 20.81
N VAL B 318 9.97 -14.18 19.79
CA VAL B 318 9.16 -12.97 19.90
C VAL B 318 7.76 -13.29 20.43
N SER B 319 7.12 -14.28 19.81
CA SER B 319 5.85 -14.81 20.31
C SER B 319 6.08 -15.95 21.30
N ARG B 320 6.08 -15.62 22.58
CA ARG B 320 6.30 -16.60 23.65
C ARG B 320 4.96 -17.01 24.29
N ASN B 321 4.03 -17.47 23.46
CA ASN B 321 2.69 -17.83 23.95
C ASN B 321 2.45 -19.34 24.04
N SER B 322 3.25 -20.12 23.30
CA SER B 322 3.15 -21.58 23.34
C SER B 322 4.34 -22.24 24.05
N ARG B 323 4.14 -23.46 24.51
CA ARG B 323 5.17 -24.21 25.23
C ARG B 323 5.81 -25.27 24.35
N GLN B 324 5.01 -25.81 23.44
CA GLN B 324 5.49 -26.80 22.50
C GLN B 324 4.76 -26.68 21.16
N LEU B 325 5.49 -26.95 20.09
CA LEU B 325 4.95 -26.82 18.75
C LEU B 325 5.38 -28.03 17.96
N ASP B 326 4.51 -28.52 17.10
CA ASP B 326 4.93 -29.48 16.09
C ASP B 326 5.75 -28.74 15.04
N LEU B 327 6.24 -29.44 14.02
CA LEU B 327 7.06 -28.81 13.00
C LEU B 327 6.29 -27.66 12.33
N THR B 328 5.08 -27.94 11.86
CA THR B 328 4.24 -26.91 11.21
C THR B 328 4.05 -25.70 12.11
N GLY B 329 3.84 -25.93 13.40
CA GLY B 329 3.69 -24.85 14.39
C GLY B 329 4.93 -24.01 14.57
N ILE B 330 6.10 -24.61 14.30
CA ILE B 330 7.35 -23.88 14.36
C ILE B 330 7.37 -22.82 13.26
N LEU B 331 6.94 -23.20 12.05
CA LEU B 331 6.83 -22.24 10.96
C LEU B 331 5.74 -21.19 11.17
N ILE B 332 4.56 -21.62 11.62
CA ILE B 332 3.42 -20.72 11.84
C ILE B 332 3.76 -19.60 12.81
N LYS B 333 4.33 -19.98 13.95
CA LYS B 333 4.66 -19.02 15.00
C LYS B 333 6.04 -18.39 14.79
N SER B 334 6.75 -18.92 13.80
CA SER B 334 8.10 -18.48 13.48
C SER B 334 8.97 -18.47 14.74
N SER B 335 9.18 -19.67 15.29
CA SER B 335 9.92 -19.86 16.52
C SER B 335 11.42 -20.06 16.26
N ASN B 336 12.23 -19.10 16.72
CA ASN B 336 13.68 -19.20 16.63
C ASN B 336 14.20 -20.34 17.49
N VAL B 337 13.69 -20.41 18.72
CA VAL B 337 14.05 -21.46 19.68
C VAL B 337 13.80 -22.85 19.07
N GLY B 338 12.61 -23.05 18.53
CA GLY B 338 12.22 -24.31 17.90
C GLY B 338 13.17 -24.75 16.80
N ILE B 339 13.48 -23.81 15.90
CA ILE B 339 14.34 -24.08 14.74
C ILE B 339 15.78 -24.35 15.20
N SER B 340 16.19 -23.68 16.28
CA SER B 340 17.53 -23.85 16.85
C SER B 340 17.78 -25.27 17.33
N LYS B 341 16.82 -25.85 18.04
CA LYS B 341 16.96 -27.20 18.58
C LYS B 341 17.05 -28.22 17.45
N ILE B 342 16.25 -28.03 16.41
CA ILE B 342 16.30 -28.87 15.21
C ILE B 342 17.68 -28.78 14.56
N ALA B 343 18.18 -27.55 14.41
CA ALA B 343 19.51 -27.28 13.86
C ALA B 343 20.62 -27.96 14.68
N PHE B 344 20.50 -27.90 16.01
CA PHE B 344 21.44 -28.59 16.89
C PHE B 344 21.43 -30.08 16.61
N ASP B 345 20.22 -30.63 16.45
CA ASP B 345 20.09 -32.06 16.16
C ASP B 345 20.65 -32.46 14.79
N ILE B 346 20.40 -31.66 13.75
CA ILE B 346 20.75 -32.11 12.39
C ILE B 346 22.13 -31.68 11.89
N GLY B 347 22.71 -30.66 12.53
CA GLY B 347 24.01 -30.15 12.11
C GLY B 347 23.90 -29.03 11.09
N ALA B 348 24.87 -28.12 11.12
CA ALA B 348 24.93 -27.00 10.22
C ALA B 348 25.17 -27.44 8.78
N GLU B 349 26.00 -28.45 8.60
CA GLU B 349 26.38 -28.90 7.26
C GLU B 349 25.18 -29.27 6.37
N SER B 350 24.16 -29.89 6.96
CA SER B 350 22.97 -30.29 6.21
C SER B 350 22.11 -29.06 5.85
N ILE B 351 22.02 -28.11 6.78
CA ILE B 351 21.35 -26.83 6.52
C ILE B 351 22.12 -26.01 5.50
N TYR B 352 23.43 -25.85 5.70
CA TYR B 352 24.27 -25.15 4.73
C TYR B 352 24.06 -25.75 3.35
N SER B 353 24.00 -27.09 3.30
CA SER B 353 23.82 -27.83 2.06
C SER B 353 22.56 -27.45 1.26
N VAL B 354 21.41 -27.39 1.94
CA VAL B 354 20.14 -27.05 1.28
C VAL B 354 20.13 -25.60 0.78
N MET B 355 20.61 -24.69 1.64
CA MET B 355 20.73 -23.28 1.29
C MET B 355 21.57 -23.04 0.05
N GLN B 356 22.68 -23.76 -0.07
CA GLN B 356 23.54 -23.70 -1.25
C GLN B 356 22.80 -24.23 -2.48
N GLN B 357 22.13 -25.35 -2.28
CA GLN B 357 21.45 -26.06 -3.37
C GLN B 357 20.27 -25.28 -3.95
N VAL B 358 19.52 -24.54 -3.13
CA VAL B 358 18.45 -23.67 -3.65
C VAL B 358 18.95 -22.29 -4.11
N GLY B 359 20.26 -22.08 -4.09
CA GLY B 359 20.88 -20.91 -4.70
C GLY B 359 21.17 -19.70 -3.80
N LEU B 360 20.96 -19.85 -2.50
CA LEU B 360 21.22 -18.76 -1.56
C LEU B 360 22.71 -18.49 -1.48
N GLY B 361 23.10 -17.24 -1.73
CA GLY B 361 24.52 -16.85 -1.78
C GLY B 361 25.30 -17.45 -2.94
N GLN B 362 24.61 -17.89 -3.99
CA GLN B 362 25.27 -18.46 -5.18
C GLN B 362 25.11 -17.52 -6.37
N ASP B 363 26.03 -17.65 -7.33
CA ASP B 363 25.93 -16.94 -8.61
C ASP B 363 24.67 -17.37 -9.40
N THR B 364 23.80 -16.41 -9.67
CA THR B 364 22.57 -16.67 -10.43
C THR B 364 22.86 -16.92 -11.90
N GLY B 365 23.93 -16.31 -12.42
CA GLY B 365 24.29 -16.43 -13.83
C GLY B 365 23.53 -15.50 -14.76
N LEU B 366 22.85 -14.50 -14.19
CA LEU B 366 22.11 -13.51 -14.97
C LEU B 366 23.03 -12.49 -15.64
N GLY B 367 24.01 -11.99 -14.89
CA GLY B 367 24.97 -11.03 -15.43
C GLY B 367 24.43 -9.61 -15.50
N PHE B 368 23.45 -9.31 -14.65
CA PHE B 368 22.94 -7.96 -14.54
C PHE B 368 24.02 -7.06 -13.92
N PRO B 369 24.29 -5.90 -14.54
CA PRO B 369 25.36 -5.03 -14.06
C PRO B 369 25.19 -4.67 -12.58
N GLY B 370 26.21 -4.93 -11.77
CA GLY B 370 26.14 -4.67 -10.32
C GLY B 370 25.54 -5.77 -9.45
N GLU B 371 25.01 -6.82 -10.07
CA GLU B 371 24.33 -7.89 -9.33
C GLU B 371 25.26 -8.49 -8.27
N ARG B 372 24.77 -8.59 -7.02
CA ARG B 372 25.54 -9.18 -5.92
C ARG B 372 25.25 -10.68 -5.78
N VAL B 373 26.27 -11.46 -5.43
CA VAL B 373 26.13 -12.89 -5.19
C VAL B 373 25.71 -13.18 -3.75
N GLY B 374 25.99 -12.27 -2.84
CA GLY B 374 25.66 -12.46 -1.43
C GLY B 374 26.64 -13.42 -0.77
N ASN B 375 26.30 -13.86 0.44
CA ASN B 375 27.24 -14.68 1.20
C ASN B 375 26.62 -15.80 2.03
N LEU B 376 27.14 -17.01 1.81
CA LEU B 376 26.84 -18.16 2.66
C LEU B 376 28.14 -18.57 3.36
N PRO B 377 28.31 -18.23 4.65
CA PRO B 377 29.53 -18.58 5.39
C PRO B 377 29.83 -20.07 5.33
N ASN B 378 31.09 -20.43 5.13
CA ASN B 378 31.51 -21.82 5.26
C ASN B 378 32.59 -21.98 6.33
N HIS B 379 32.24 -22.71 7.39
CA HIS B 379 33.11 -22.86 8.55
C HIS B 379 33.70 -24.27 8.62
N ARG B 380 34.86 -24.39 9.27
CA ARG B 380 35.52 -25.67 9.53
C ARG B 380 34.84 -26.37 10.70
N LYS B 381 34.78 -25.69 11.84
CA LYS B 381 33.97 -26.12 12.97
C LYS B 381 32.78 -25.16 13.08
N TRP B 382 31.61 -25.72 13.31
CA TRP B 382 30.41 -24.91 13.51
C TRP B 382 30.03 -24.89 14.98
N PRO B 383 30.34 -23.79 15.70
CA PRO B 383 29.84 -23.65 17.07
C PRO B 383 28.32 -23.58 17.10
N LYS B 384 27.73 -23.79 18.27
CA LYS B 384 26.27 -23.83 18.41
C LYS B 384 25.57 -22.57 17.93
N ALA B 385 26.08 -21.42 18.36
CA ALA B 385 25.50 -20.11 18.00
C ALA B 385 25.35 -19.90 16.49
N GLU B 386 26.47 -20.04 15.77
CA GLU B 386 26.51 -19.85 14.32
C GLU B 386 25.64 -20.87 13.57
N THR B 387 25.52 -22.07 14.12
CA THR B 387 24.62 -23.08 13.57
C THR B 387 23.16 -22.67 13.77
N ALA B 388 22.87 -22.08 14.93
CA ALA B 388 21.53 -21.58 15.23
C ALA B 388 21.17 -20.41 14.31
N THR B 389 21.99 -19.37 14.33
CA THR B 389 21.72 -18.15 13.57
C THR B 389 21.61 -18.36 12.06
N LEU B 390 22.36 -19.31 11.51
CA LEU B 390 22.22 -19.71 10.11
C LEU B 390 20.82 -20.28 9.82
N ALA B 391 20.39 -21.20 10.69
CA ALA B 391 19.09 -21.88 10.59
C ALA B 391 17.89 -20.92 10.57
N TYR B 392 17.96 -19.85 11.36
CA TYR B 392 16.89 -18.86 11.34
C TYR B 392 17.25 -17.52 10.67
N GLY B 393 18.24 -17.56 9.77
CA GLY B 393 18.40 -16.50 8.77
C GLY B 393 19.35 -15.33 8.98
N TYR B 394 20.16 -15.37 10.03
CA TYR B 394 21.19 -14.33 10.20
C TYR B 394 22.58 -14.88 9.98
N GLY B 395 23.51 -14.01 9.58
CA GLY B 395 24.87 -14.44 9.33
C GLY B 395 25.10 -14.88 7.90
N LEU B 396 24.02 -14.91 7.11
CA LEU B 396 24.10 -15.08 5.66
C LEU B 396 23.45 -13.85 5.01
N SER B 397 23.80 -13.57 3.76
CA SER B 397 23.15 -12.49 3.03
C SER B 397 22.78 -12.92 1.62
N VAL B 398 21.59 -12.51 1.21
CA VAL B 398 21.00 -12.91 -0.09
C VAL B 398 20.45 -11.69 -0.82
N THR B 399 20.18 -11.84 -2.12
CA THR B 399 19.42 -10.81 -2.82
C THR B 399 17.96 -11.24 -2.92
N ALA B 400 17.08 -10.27 -3.17
CA ALA B 400 15.65 -10.55 -3.32
C ALA B 400 15.39 -11.51 -4.49
N ILE B 401 16.10 -11.31 -5.60
CA ILE B 401 16.09 -12.28 -6.72
C ILE B 401 16.45 -13.69 -6.26
N GLN B 402 17.45 -13.79 -5.39
CA GLN B 402 17.90 -15.10 -4.90
C GLN B 402 16.85 -15.79 -4.03
N LEU B 403 16.26 -15.01 -3.14
CA LEU B 403 15.20 -15.48 -2.25
C LEU B 403 14.00 -15.98 -3.06
N ALA B 404 13.62 -15.21 -4.08
CA ALA B 404 12.50 -15.59 -4.94
C ALA B 404 12.83 -16.89 -5.66
N HIS B 405 14.09 -17.01 -6.06
CA HIS B 405 14.54 -18.19 -6.77
C HIS B 405 14.45 -19.44 -5.91
N ALA B 406 14.89 -19.34 -4.66
CA ALA B 406 14.83 -20.44 -3.73
C ALA B 406 13.38 -20.88 -3.48
N TYR B 407 12.49 -19.92 -3.28
CA TYR B 407 11.07 -20.20 -3.12
C TYR B 407 10.44 -20.85 -4.37
N ALA B 408 11.00 -20.54 -5.54
CA ALA B 408 10.53 -21.13 -6.79
C ALA B 408 10.86 -22.60 -6.88
N ALA B 409 12.08 -22.96 -6.49
CA ALA B 409 12.51 -24.34 -6.51
C ALA B 409 11.60 -25.15 -5.58
N LEU B 410 11.31 -24.58 -4.40
CA LEU B 410 10.41 -25.20 -3.44
C LEU B 410 9.02 -25.41 -4.02
N ALA B 411 8.48 -24.36 -4.62
CA ALA B 411 7.14 -24.36 -5.23
C ALA B 411 7.06 -25.29 -6.44
N ASN B 412 8.20 -25.51 -7.09
CA ASN B 412 8.28 -26.35 -8.28
C ASN B 412 8.60 -27.81 -7.95
N ASP B 413 8.00 -28.33 -6.89
CA ASP B 413 8.26 -29.70 -6.41
C ASP B 413 9.76 -30.00 -6.25
N GLY B 414 10.48 -29.01 -5.73
CA GLY B 414 11.91 -29.17 -5.44
C GLY B 414 12.82 -29.07 -6.65
N LYS B 415 12.26 -28.84 -7.84
CA LYS B 415 13.08 -28.70 -9.04
C LYS B 415 13.48 -27.24 -9.26
N SER B 416 14.80 -27.00 -9.32
CA SER B 416 15.32 -25.67 -9.58
C SER B 416 15.59 -25.46 -11.07
N VAL B 417 15.26 -24.27 -11.54
CA VAL B 417 15.38 -23.90 -12.95
C VAL B 417 16.19 -22.59 -13.02
N PRO B 418 17.17 -22.51 -13.95
CA PRO B 418 18.02 -21.31 -14.05
C PRO B 418 17.18 -20.05 -14.17
N LEU B 419 17.60 -18.97 -13.52
CA LEU B 419 16.92 -17.68 -13.67
C LEU B 419 17.14 -17.15 -15.09
N SER B 420 16.17 -16.38 -15.58
CA SER B 420 16.28 -15.71 -16.87
C SER B 420 15.58 -14.37 -16.81
N MET B 421 16.25 -13.33 -17.33
CA MET B 421 15.62 -12.00 -17.46
C MET B 421 15.29 -11.67 -18.91
N THR B 422 15.51 -12.64 -19.79
CA THR B 422 15.04 -12.56 -21.16
C THR B 422 13.95 -13.63 -21.37
N ARG B 423 13.10 -13.45 -22.38
CA ARG B 423 12.03 -14.40 -22.66
C ARG B 423 12.58 -15.78 -22.95
N VAL B 424 11.92 -16.80 -22.40
CA VAL B 424 12.28 -18.19 -22.59
C VAL B 424 11.26 -18.87 -23.52
N ASP B 425 11.76 -19.49 -24.60
CA ASP B 425 10.92 -20.24 -25.54
C ASP B 425 10.64 -21.65 -25.02
N ARG B 426 11.71 -22.38 -24.72
CA ARG B 426 11.62 -23.76 -24.25
C ARG B 426 11.82 -23.84 -22.74
N VAL B 427 10.88 -24.50 -22.05
CA VAL B 427 11.01 -24.75 -20.60
C VAL B 427 12.34 -25.49 -20.34
N PRO B 428 13.26 -24.86 -19.58
CA PRO B 428 14.62 -25.40 -19.45
C PRO B 428 14.72 -26.66 -18.58
N ASP B 429 15.80 -27.42 -18.76
CA ASP B 429 16.05 -28.62 -17.98
C ASP B 429 16.49 -28.26 -16.57
N GLY B 430 15.62 -28.54 -15.60
CA GLY B 430 15.89 -28.21 -14.20
C GLY B 430 16.67 -29.28 -13.45
N VAL B 431 17.12 -28.93 -12.25
CA VAL B 431 17.85 -29.84 -11.39
C VAL B 431 17.07 -30.03 -10.10
N GLN B 432 16.95 -31.28 -9.65
CA GLN B 432 16.23 -31.58 -8.43
C GLN B 432 17.13 -31.23 -7.26
N VAL B 433 16.68 -30.28 -6.43
CA VAL B 433 17.52 -29.79 -5.33
C VAL B 433 16.92 -30.18 -3.98
N ILE B 434 15.61 -30.35 -3.97
CA ILE B 434 14.90 -30.88 -2.84
C ILE B 434 14.07 -32.02 -3.41
N SER B 435 13.98 -33.13 -2.68
CA SER B 435 13.14 -34.25 -3.09
C SER B 435 11.68 -33.82 -3.22
N PRO B 436 10.96 -34.39 -4.20
CA PRO B 436 9.55 -34.06 -4.38
C PRO B 436 8.75 -34.17 -3.10
N GLU B 437 8.97 -35.24 -2.35
CA GLU B 437 8.21 -35.52 -1.13
C GLU B 437 8.46 -34.50 -0.03
N VAL B 438 9.73 -34.22 0.26
CA VAL B 438 10.10 -33.14 1.19
C VAL B 438 9.47 -31.81 0.73
N ALA B 439 9.68 -31.47 -0.54
CA ALA B 439 9.10 -30.26 -1.14
C ALA B 439 7.59 -30.21 -0.93
N SER B 440 6.93 -31.33 -1.26
CA SER B 440 5.47 -31.46 -1.10
C SER B 440 5.02 -31.19 0.33
N THR B 441 5.75 -31.78 1.29
CA THR B 441 5.47 -31.62 2.71
C THR B 441 5.65 -30.16 3.15
N VAL B 442 6.81 -29.60 2.84
CA VAL B 442 7.13 -28.21 3.18
C VAL B 442 6.15 -27.23 2.53
N GLN B 443 5.72 -27.51 1.29
CA GLN B 443 4.68 -26.71 0.64
C GLN B 443 3.41 -26.69 1.47
N GLY B 444 3.08 -27.87 2.03
CA GLY B 444 1.89 -28.03 2.85
C GLY B 444 1.99 -27.20 4.11
N MET B 445 3.16 -27.23 4.75
CA MET B 445 3.40 -26.44 5.95
C MET B 445 3.30 -24.94 5.66
N LEU B 446 3.83 -24.53 4.51
CA LEU B 446 3.74 -23.12 4.08
C LEU B 446 2.32 -22.68 3.79
N GLN B 447 1.52 -23.59 3.22
CA GLN B 447 0.09 -23.32 3.06
C GLN B 447 -0.59 -23.07 4.41
N GLN B 448 -0.29 -23.92 5.40
CA GLN B 448 -0.80 -23.74 6.76
C GLN B 448 -0.42 -22.39 7.39
N VAL B 449 0.82 -21.96 7.15
CA VAL B 449 1.32 -20.66 7.62
C VAL B 449 0.40 -19.51 7.20
N VAL B 450 -0.07 -19.56 5.96
CA VAL B 450 -0.97 -18.55 5.43
C VAL B 450 -2.40 -18.78 5.95
N GLU B 451 -2.87 -20.02 5.86
CA GLU B 451 -4.28 -20.34 6.06
C GLU B 451 -4.74 -20.83 7.45
N ALA B 452 -3.83 -21.32 8.29
CA ALA B 452 -4.23 -21.85 9.61
C ALA B 452 -4.53 -20.72 10.61
N GLN B 453 -5.24 -21.05 11.69
CA GLN B 453 -5.59 -20.09 12.75
C GLN B 453 -4.32 -19.60 13.44
N GLY B 454 -4.25 -18.28 13.69
CA GLY B 454 -3.00 -17.66 14.16
C GLY B 454 -1.90 -17.67 13.10
N GLY B 455 -2.25 -17.97 11.85
CA GLY B 455 -1.30 -17.92 10.76
C GLY B 455 -1.16 -16.51 10.22
N VAL B 456 -0.51 -16.38 9.07
CA VAL B 456 -0.30 -15.06 8.47
C VAL B 456 -1.49 -14.72 7.53
N PHE B 457 -2.60 -14.30 8.14
CA PHE B 457 -3.87 -14.21 7.40
C PHE B 457 -3.89 -13.09 6.37
N ARG B 458 -3.17 -11.98 6.64
CA ARG B 458 -3.02 -10.87 5.67
C ARG B 458 -2.38 -11.29 4.32
N ALA B 459 -1.75 -12.47 4.30
CA ALA B 459 -1.17 -13.02 3.07
C ALA B 459 -2.17 -13.83 2.22
N GLN B 460 -3.39 -14.00 2.71
CA GLN B 460 -4.39 -14.78 1.95
C GLN B 460 -4.76 -14.11 0.63
N VAL B 461 -4.68 -14.88 -0.44
CA VAL B 461 -4.99 -14.41 -1.78
C VAL B 461 -6.44 -14.76 -2.12
N PRO B 462 -7.31 -13.75 -2.25
CA PRO B 462 -8.71 -14.11 -2.52
C PRO B 462 -8.85 -14.96 -3.80
N GLY B 463 -9.60 -16.05 -3.70
CA GLY B 463 -9.80 -16.99 -4.81
C GLY B 463 -8.76 -18.09 -4.97
N TYR B 464 -7.66 -17.99 -4.24
CA TYR B 464 -6.57 -18.94 -4.39
C TYR B 464 -6.08 -19.47 -3.07
N HIS B 465 -5.45 -20.65 -3.12
CA HIS B 465 -4.69 -21.18 -2.02
C HIS B 465 -3.26 -20.68 -2.16
N ALA B 466 -2.83 -19.91 -1.16
CA ALA B 466 -1.47 -19.39 -1.10
C ALA B 466 -0.62 -20.06 -0.01
N ALA B 467 0.67 -20.15 -0.27
CA ALA B 467 1.65 -20.66 0.67
C ALA B 467 2.78 -19.64 0.81
N GLY B 468 3.30 -19.48 2.02
CA GLY B 468 4.41 -18.56 2.23
C GLY B 468 4.95 -18.48 3.64
N LYS B 469 5.89 -17.56 3.84
CA LYS B 469 6.53 -17.33 5.14
C LYS B 469 6.86 -15.84 5.33
N SER B 470 6.54 -15.30 6.49
CA SER B 470 6.97 -13.94 6.81
C SER B 470 8.36 -13.94 7.43
N GLY B 471 8.91 -12.74 7.57
CA GLY B 471 10.25 -12.53 8.15
C GLY B 471 10.31 -11.10 8.67
N THR B 472 10.96 -10.92 9.79
CA THR B 472 11.14 -9.60 10.38
C THR B 472 12.55 -9.56 10.89
N ALA B 473 13.40 -8.75 10.27
CA ALA B 473 14.81 -8.68 10.65
C ALA B 473 15.22 -7.29 11.12
N ARG B 474 15.89 -7.23 12.27
CA ARG B 474 16.54 -5.99 12.70
C ARG B 474 17.60 -5.64 11.66
N LYS B 475 17.73 -4.35 11.40
CA LYS B 475 18.75 -3.87 10.49
C LYS B 475 20.09 -3.77 11.22
N VAL B 476 21.17 -4.02 10.47
CA VAL B 476 22.54 -3.89 10.93
C VAL B 476 22.82 -2.44 11.29
N SER B 477 23.47 -2.22 12.43
CA SER B 477 23.75 -0.88 12.93
C SER B 477 24.67 -0.10 12.01
N VAL B 478 24.39 1.20 11.88
CA VAL B 478 25.27 2.12 11.18
C VAL B 478 26.47 2.41 12.08
N GLY B 479 27.66 2.15 11.57
CA GLY B 479 28.88 2.58 12.26
C GLY B 479 29.35 1.75 13.44
N THR B 480 28.80 0.55 13.58
CA THR B 480 29.27 -0.41 14.57
C THR B 480 28.83 -1.83 14.20
N LYS B 481 29.34 -2.82 14.93
CA LYS B 481 28.86 -4.20 14.77
C LYS B 481 27.53 -4.35 15.52
N GLY B 482 26.74 -5.34 15.13
CA GLY B 482 25.48 -5.58 15.85
C GLY B 482 24.27 -5.01 15.15
N TYR B 483 23.18 -4.88 15.88
CA TYR B 483 21.88 -4.56 15.30
C TYR B 483 21.18 -3.39 15.96
N ARG B 484 20.34 -2.72 15.19
CA ARG B 484 19.56 -1.59 15.66
C ARG B 484 18.34 -2.08 16.42
N GLU B 485 17.93 -1.28 17.40
CA GLU B 485 16.80 -1.66 18.25
C GLU B 485 15.44 -1.33 17.63
N ASN B 486 15.39 -0.32 16.78
CA ASN B 486 14.12 0.18 16.25
C ASN B 486 14.03 0.34 14.73
N ALA B 487 14.95 -0.27 14.01
CA ALA B 487 14.91 -0.25 12.54
C ALA B 487 14.84 -1.69 12.04
N TYR B 488 13.85 -1.95 11.20
CA TYR B 488 13.53 -3.31 10.78
C TYR B 488 13.39 -3.45 9.27
N ARG B 489 13.53 -4.67 8.79
CA ARG B 489 13.25 -5.01 7.42
C ARG B 489 12.10 -6.00 7.43
N SER B 490 11.03 -5.69 6.70
CA SER B 490 9.84 -6.52 6.64
C SER B 490 9.82 -7.41 5.40
N LEU B 491 9.68 -8.71 5.60
CA LEU B 491 9.73 -9.64 4.48
C LEU B 491 8.50 -10.51 4.39
N PHE B 492 8.16 -10.89 3.17
CA PHE B 492 7.29 -12.01 2.94
C PHE B 492 7.63 -12.65 1.61
N ALA B 493 7.68 -13.98 1.63
CA ALA B 493 8.06 -14.76 0.47
C ALA B 493 7.09 -15.94 0.33
N GLY B 494 6.59 -16.17 -0.88
CA GLY B 494 5.58 -17.18 -1.08
C GLY B 494 5.34 -17.54 -2.53
N PHE B 495 4.31 -18.34 -2.76
CA PHE B 495 3.95 -18.86 -4.09
C PHE B 495 2.50 -19.29 -4.15
N ALA B 496 1.98 -19.42 -5.38
CA ALA B 496 0.58 -19.77 -5.59
C ALA B 496 0.39 -20.17 -7.05
N PRO B 497 -0.72 -20.86 -7.36
CA PRO B 497 -1.69 -21.45 -6.42
C PRO B 497 -1.12 -22.67 -5.73
N ALA B 498 -1.51 -22.88 -4.47
CA ALA B 498 -0.95 -23.98 -3.68
C ALA B 498 -1.16 -25.34 -4.34
N THR B 499 -2.26 -25.51 -5.06
CA THR B 499 -2.57 -26.81 -5.68
C THR B 499 -1.75 -27.12 -6.96
N ASP B 500 -1.28 -26.06 -7.62
CA ASP B 500 -0.35 -26.18 -8.74
C ASP B 500 0.38 -24.84 -8.93
N PRO B 501 1.49 -24.64 -8.19
CA PRO B 501 2.17 -23.33 -8.13
C PRO B 501 2.64 -22.82 -9.50
N ARG B 502 2.29 -21.57 -9.80
CA ARG B 502 2.67 -20.95 -11.07
C ARG B 502 3.73 -19.89 -10.86
N ILE B 503 3.58 -19.09 -9.80
CA ILE B 503 4.49 -17.99 -9.55
C ILE B 503 4.96 -17.89 -8.10
N ALA B 504 6.19 -17.41 -7.94
CA ALA B 504 6.76 -17.09 -6.65
C ALA B 504 6.93 -15.58 -6.53
N MET B 505 6.89 -15.08 -5.31
CA MET B 505 6.95 -13.65 -5.09
C MET B 505 7.66 -13.32 -3.78
N VAL B 506 8.46 -12.26 -3.82
CA VAL B 506 9.20 -11.82 -2.65
C VAL B 506 8.89 -10.34 -2.40
N VAL B 507 8.47 -9.99 -1.20
CA VAL B 507 8.24 -8.58 -0.88
C VAL B 507 9.13 -8.13 0.28
N VAL B 508 10.02 -7.17 0.01
CA VAL B 508 10.91 -6.64 1.01
C VAL B 508 10.64 -5.14 1.20
N ILE B 509 10.42 -4.72 2.44
CA ILE B 509 10.14 -3.32 2.73
C ILE B 509 11.06 -2.87 3.87
N ASP B 510 11.89 -1.85 3.61
CA ASP B 510 12.89 -1.40 4.58
C ASP B 510 12.42 -0.25 5.46
N GLU B 511 12.52 -0.47 6.76
CA GLU B 511 12.22 0.56 7.77
C GLU B 511 10.80 1.14 7.70
N PRO B 512 9.76 0.30 7.82
CA PRO B 512 8.42 0.86 7.98
C PRO B 512 8.32 1.59 9.33
N SER B 513 7.60 2.69 9.37
CA SER B 513 7.54 3.47 10.61
C SER B 513 6.13 3.93 10.99
N LYS B 514 5.12 3.50 10.25
CA LYS B 514 3.80 4.10 10.43
C LYS B 514 2.68 3.15 10.87
N ALA B 515 2.78 1.89 10.49
CA ALA B 515 1.71 0.94 10.78
C ALA B 515 2.22 -0.43 11.25
N GLY B 516 3.31 -0.45 12.01
CA GLY B 516 3.92 -1.70 12.50
C GLY B 516 5.06 -2.15 11.59
N TYR B 517 5.74 -3.23 11.96
CA TYR B 517 6.96 -3.58 11.23
C TYR B 517 7.13 -5.06 10.91
N PHE B 518 6.24 -5.91 11.42
CA PHE B 518 6.37 -7.34 11.20
C PHE B 518 6.07 -7.73 9.75
N GLY B 519 6.86 -8.63 9.18
CA GLY B 519 6.64 -9.10 7.80
C GLY B 519 5.18 -9.38 7.48
N GLY B 520 4.48 -10.04 8.40
CA GLY B 520 3.08 -10.41 8.22
C GLY B 520 2.06 -9.30 8.36
N LEU B 521 2.49 -8.14 8.85
CA LEU B 521 1.63 -6.97 8.96
C LEU B 521 1.86 -5.96 7.82
N VAL B 522 3.10 -5.91 7.33
CA VAL B 522 3.58 -4.92 6.38
C VAL B 522 3.68 -5.54 4.97
N SER B 523 4.41 -6.64 4.84
CA SER B 523 4.69 -7.22 3.54
C SER B 523 3.63 -8.21 3.06
N ALA B 524 2.99 -8.92 3.98
CA ALA B 524 1.99 -9.94 3.57
C ALA B 524 0.80 -9.37 2.78
N PRO B 525 0.23 -8.20 3.21
CA PRO B 525 -0.89 -7.65 2.43
C PRO B 525 -0.52 -7.25 1.01
N VAL B 526 0.73 -6.81 0.79
CA VAL B 526 1.23 -6.56 -0.56
C VAL B 526 1.24 -7.84 -1.38
N PHE B 527 1.74 -8.92 -0.78
CA PHE B 527 1.75 -10.24 -1.41
C PHE B 527 0.34 -10.64 -1.80
N SER B 528 -0.62 -10.48 -0.87
CA SER B 528 -2.00 -10.82 -1.15
C SER B 528 -2.51 -10.12 -2.42
N LYS B 529 -2.38 -8.79 -2.44
CA LYS B 529 -2.87 -7.98 -3.55
C LYS B 529 -2.16 -8.29 -4.89
N VAL B 530 -0.83 -8.39 -4.87
CA VAL B 530 -0.12 -8.52 -6.14
C VAL B 530 -0.32 -9.90 -6.73
N MET B 531 -0.29 -10.91 -5.85
CA MET B 531 -0.51 -12.28 -6.26
C MET B 531 -1.91 -12.43 -6.90
N ALA B 532 -2.92 -11.79 -6.31
CA ALA B 532 -4.29 -11.87 -6.81
C ALA B 532 -4.39 -11.32 -8.25
N GLY B 533 -3.85 -10.12 -8.47
CA GLY B 533 -3.83 -9.51 -9.79
C GLY B 533 -2.98 -10.31 -10.76
N ALA B 534 -1.80 -10.72 -10.31
CA ALA B 534 -0.86 -11.45 -11.16
C ALA B 534 -1.48 -12.73 -11.73
N LEU B 535 -2.07 -13.53 -10.84
CA LEU B 535 -2.73 -14.78 -11.21
C LEU B 535 -3.95 -14.56 -12.10
N ARG B 536 -4.69 -13.47 -11.86
CA ARG B 536 -5.81 -13.09 -12.72
C ARG B 536 -5.34 -12.69 -14.12
N LEU B 537 -4.44 -11.70 -14.19
CA LEU B 537 -3.84 -11.26 -15.45
C LEU B 537 -3.28 -12.42 -16.25
N MET B 538 -2.83 -13.45 -15.57
CA MET B 538 -2.31 -14.62 -16.27
C MET B 538 -3.38 -15.68 -16.55
N ASN B 539 -4.63 -15.38 -16.20
CA ASN B 539 -5.76 -16.30 -16.39
C ASN B 539 -5.50 -17.69 -15.80
N VAL B 540 -5.00 -17.71 -14.57
CA VAL B 540 -4.81 -18.94 -13.83
C VAL B 540 -6.11 -19.25 -13.08
N PRO B 541 -6.65 -20.48 -13.29
CA PRO B 541 -7.94 -20.84 -12.70
C PRO B 541 -7.87 -20.81 -11.18
N PRO B 542 -8.83 -20.14 -10.53
CA PRO B 542 -8.90 -20.09 -9.07
C PRO B 542 -9.04 -21.50 -8.49
N ASP B 543 -8.31 -21.80 -7.43
CA ASP B 543 -8.35 -23.12 -6.82
C ASP B 543 -9.02 -23.08 -5.44
N ASN B 544 -9.65 -21.95 -5.13
CA ASN B 544 -10.29 -21.72 -3.84
C ASN B 544 -11.46 -20.76 -4.00
N LEU B 545 -12.52 -21.23 -4.66
CA LEU B 545 -13.65 -20.38 -5.07
C LEU B 545 -14.50 -19.73 -3.95
N PRO B 546 -14.74 -20.44 -2.81
CA PRO B 546 -15.50 -19.79 -1.72
C PRO B 546 -14.89 -18.50 -1.17
N THR B 547 -13.74 -18.09 -1.72
CA THR B 547 -13.14 -16.80 -1.41
C THR B 547 -12.76 -16.08 -2.71
C11 59F C . -12.36 11.14 -16.95
C13 59F C . -8.51 10.86 -17.70
C14 59F C . -15.35 10.31 -18.56
C15 59F C . -17.03 11.12 -17.03
C17 59F C . -9.55 12.75 -19.01
S01 59F C . -18.29 14.67 -16.96
O01 59F C . -15.68 14.43 -12.96
O02 59F C . -14.88 14.18 -17.38
O03 59F C . -20.75 15.73 -12.44
O04 59F C . -20.45 13.55 -12.31
O05 59F C . -12.59 10.19 -16.20
O06 59F C . -11.77 13.29 -18.63
O07 59F C . -9.42 13.68 -19.83
O 59F C . -18.66 8.81 -19.35
N01 59F C . -18.49 15.29 -14.35
N02 59F C . -15.88 13.72 -15.35
N03 59F C . -13.39 12.08 -17.28
N04 59F C . -11.04 11.38 -17.55
N05 59F C . -8.46 11.96 -18.65
C01 59F C . -17.66 15.49 -15.51
C02 59F C . -16.24 15.09 -15.16
C03 59F C . -15.93 15.37 -13.71
C07 59F C . -19.79 14.69 -14.35
C04 59F C . -20.59 14.89 -15.47
C05 59F C . -19.93 15.38 -16.74
C06 59F C . -15.15 13.37 -16.54
C08 59F C . -22.11 14.98 -15.37
CA 59F C . -14.72 11.97 -16.72
C09 59F C . -20.37 14.64 -12.96
C10 59F C . -15.72 11.11 -17.48
C12 59F C . -9.96 10.40 -17.27
C16 59F C . -10.85 12.50 -18.41
C19 59F C . -7.12 12.15 -19.22
C20 59F C . -16.32 9.54 -19.20
C21 59F C . -17.99 10.36 -17.66
C22 59F C . -17.64 9.57 -18.73
C23 59F C . -6.07 12.10 -18.13
C1 GOL D . -13.36 4.36 -2.06
O1 GOL D . -13.58 3.61 -0.87
C2 GOL D . -11.85 4.56 -2.12
O2 GOL D . -11.40 4.01 -3.34
C3 GOL D . -11.52 6.04 -1.99
O3 GOL D . -12.07 6.57 -0.78
C1 GOL E . -5.14 -4.30 3.88
O1 GOL E . -4.73 -4.23 2.51
C2 GOL E . -3.99 -4.10 4.87
O2 GOL E . -3.17 -2.98 4.48
C3 GOL E . -4.57 -3.84 6.27
O3 GOL E . -3.71 -4.42 7.26
C1 GOL F . -16.62 -11.76 8.16
O1 GOL F . -16.33 -12.57 7.02
C2 GOL F . -15.43 -11.78 9.11
O2 GOL F . -14.22 -11.74 8.34
C3 GOL F . -15.48 -10.58 10.03
O3 GOL F . -14.18 -10.41 10.63
CL CL G . 1.72 9.33 1.30
CL CL H . -6.32 14.17 16.61
CL CL I . -8.40 4.18 -9.97
C11 59F J . 16.43 -10.45 14.65
C13 59F J . 20.27 -10.79 14.64
C14 59F J . 13.79 -9.31 16.46
C15 59F J . 11.80 -9.81 15.20
C17 59F J . 19.34 -12.19 16.51
S01 59F J . 10.15 -13.17 15.02
O01 59F J . 12.35 -13.41 10.77
O02 59F J . 13.58 -13.21 15.19
O03 59F J . 7.24 -13.83 10.65
O04 59F J . 7.77 -11.69 10.68
O05 59F J . 16.27 -9.52 13.89
O06 59F J . 17.05 -12.57 16.41
O07 59F J . 19.51 -12.93 17.49
O 59F J . 10.99 -7.31 17.79
N01 59F J . 9.62 -13.92 12.52
N02 59F J . 12.52 -12.61 13.24
N03 59F J . 15.29 -11.23 15.08
N04 59F J . 17.78 -10.77 15.15
N05 59F J . 20.44 -11.66 15.82
C01 59F J . 10.56 -14.14 13.60
C02 59F J . 11.98 -13.93 13.07
C03 59F J . 12.06 -14.27 11.61
C07 59F J . 8.44 -13.08 12.57
C04 59F J . 7.71 -13.04 13.76
C05 59F J . 8.38 -13.52 15.03
C06 59F J . 13.35 -12.34 14.40
C08 59F J . 6.23 -12.69 13.79
CA 59F J . 13.95 -10.98 14.60
C09 59F J . 7.78 -12.85 11.24
C10 59F J . 13.16 -10.02 15.45
C12 59F J . 18.94 -9.94 14.73
C16 59F J . 17.99 -11.87 16.04
C19 59F J . 21.84 -11.90 16.17
C20 59F J . 13.06 -8.42 17.24
C21 59F J . 11.08 -8.91 15.97
C22 59F J . 11.71 -8.22 16.99
C23 59F J . 22.50 -12.74 15.08
C1 GOL K . 14.92 -3.71 -0.12
O1 GOL K . 14.56 -2.78 -1.15
C2 GOL K . 16.44 -3.87 -0.19
O2 GOL K . 16.96 -3.48 1.07
C3 GOL K . 16.81 -5.32 -0.51
O3 GOL K . 15.95 -5.89 -1.51
C1 GOL L . -0.94 -3.25 -0.83
O1 GOL L . -0.06 -2.81 -1.86
C2 GOL L . -0.44 -2.65 0.48
O2 GOL L . -0.32 -1.23 0.33
C3 GOL L . -1.40 -3.01 1.60
O3 GOL L . -1.11 -2.21 2.76
C1 GOL M . 24.27 4.90 -8.23
O1 GOL M . 23.51 4.31 -7.18
C2 GOL M . 24.47 3.89 -9.36
O2 GOL M . 23.23 3.28 -9.74
C3 GOL M . 24.98 4.65 -10.55
O3 GOL M . 26.07 3.93 -11.15
CL CL N . 7.34 5.87 -7.94
CL CL O . 20.81 -4.30 7.14
CL CL P . 17.30 2.25 15.93
#